data_7M3N
#
_entry.id   7M3N
#
_cell.length_a   1.00
_cell.length_b   1.00
_cell.length_c   1.00
_cell.angle_alpha   90.00
_cell.angle_beta   90.00
_cell.angle_gamma   90.00
#
_symmetry.space_group_name_H-M   'P 1'
#
loop_
_entity.id
_entity.type
_entity.pdbx_description
1 polymer 'CPV Fab14 light chain'
2 polymer 'CPV Fab14 heavy chain'
3 polymer 'Capsid protein 2'
#
loop_
_entity_poly.entity_id
_entity_poly.type
_entity_poly.pdbx_seq_one_letter_code
_entity_poly.pdbx_strand_id
1 'polypeptide(L)'
;DIVMTQSHKFMSTSVGDRVSITCKASQDVNTALAWYQQIPGQSPKLLIYSASNRYTGVPDRFTASGSGTDFTFTISSVQA
EDLALYYCQQHYTTPWTFGGGTKLEIKR
;
L
2 'polypeptide(L)'
;AVHLQGTELVKPGASAGVKLSCKASGYTFTNYDMNWVRQRPEQGLEWIGWIFPGDGSTRYNEKFKGKATLTTDKSSSTAY
QLNRLTSEDSAVYFCARRGSHGSYSFAYWGQGTLVTVSG
;
H
3 'polypeptide(L)'
;MSDGAVQPDGGQPAVRNERATGSGNGSGGGGGGGSGGVGISTGTFNNQTEFKFLENGWVEITANSSRLVHLNMPESENYR
RVVVNNMDKTAVNGNMALDDIHAQIVTPWSLVDANAWGVWFNPGDWQLIVNTMSELHLVSFEQEIFNVVLKTVSESATQP
PTKVYNNDLTASLMVALDSNNTMPFTPAAMRSETLGFYPWKPTIPTPWRYYFQWDRTLIPSHTGTSGTPTNIYHGTDPDD
VQFYTIENSVPVHLLRTGDEFATGTFFFDCKPCRLTHTWQTNRALGLPPFLNSLPQSEGATNFGDIGVQQDKRRGVTQMG
NTNYITEATIMRPAEVGYSAPYYSFEASTQGPFKTPIAAGRGGAQTDENQAADGNPRYAFGRQHGQKTTTTGETPERFTY
IAHQDTGRYPEGDWIQNINFNLPVTNDNVLLPTDPIGGKTGINYTNIFNTYGPLTALNNVPPVYPNGQIWDKEFDTDLKP
RLHVNAPFVCQNNCPGQLFVKVAPNLTNEYDPDASANMSRIVTYSDFWWKGKLVFKAKLRASHTWNPIQQMSINVDNQFN
YVPSNIGGMKIVYEKSQLAPRKLY
;
A
#
# COMPACT_ATOMS: atom_id res chain seq x y z
N ASP A 1 13.50 -19.04 -11.23
CA ASP A 1 13.12 -19.15 -12.63
C ASP A 1 12.58 -20.55 -12.91
N ILE A 2 11.51 -20.61 -13.69
CA ILE A 2 10.88 -21.87 -14.07
C ILE A 2 11.38 -22.25 -15.46
N VAL A 3 11.99 -23.42 -15.57
CA VAL A 3 12.44 -23.94 -16.87
C VAL A 3 11.39 -24.92 -17.37
N MET A 4 11.04 -24.78 -18.64
CA MET A 4 10.00 -25.59 -19.27
C MET A 4 10.61 -26.34 -20.43
N THR A 5 10.54 -27.65 -20.38
CA THR A 5 11.22 -28.52 -21.34
C THR A 5 10.17 -29.26 -22.17
N GLN A 6 10.25 -29.10 -23.49
CA GLN A 6 9.45 -29.91 -24.39
C GLN A 6 10.25 -31.16 -24.76
N SER A 7 9.55 -32.30 -24.85
CA SER A 7 10.24 -33.59 -24.92
C SER A 7 11.20 -33.65 -26.10
N HIS A 8 10.69 -33.51 -27.32
CA HIS A 8 11.50 -33.63 -28.51
C HIS A 8 11.60 -32.28 -29.21
N LYS A 9 12.66 -32.13 -30.01
CA LYS A 9 12.83 -30.94 -30.83
C LYS A 9 12.18 -31.08 -32.20
N PHE A 10 12.09 -32.30 -32.72
CA PHE A 10 11.44 -32.58 -33.99
C PHE A 10 10.57 -33.82 -33.81
N MET A 11 9.31 -33.74 -34.24
CA MET A 11 8.38 -34.86 -34.11
C MET A 11 7.86 -35.23 -35.48
N SER A 12 8.10 -36.48 -35.88
CA SER A 12 7.62 -36.96 -37.17
C SER A 12 6.10 -36.97 -37.18
N THR A 13 5.53 -36.78 -38.37
CA THR A 13 4.09 -36.62 -38.49
C THR A 13 3.68 -36.84 -39.93
N SER A 14 2.62 -37.60 -40.14
CA SER A 14 2.01 -37.72 -41.45
C SER A 14 0.64 -37.06 -41.43
N VAL A 15 0.25 -36.49 -42.57
CA VAL A 15 -0.99 -35.74 -42.67
C VAL A 15 -2.17 -36.65 -42.33
N GLY A 16 -3.03 -36.18 -41.43
CA GLY A 16 -4.22 -36.91 -41.03
C GLY A 16 -4.08 -37.68 -39.74
N ASP A 17 -2.88 -37.74 -39.16
CA ASP A 17 -2.66 -38.46 -37.93
C ASP A 17 -3.01 -37.58 -36.73
N ARG A 18 -2.86 -38.14 -35.53
CA ARG A 18 -3.04 -37.43 -34.29
C ARG A 18 -1.67 -37.23 -33.64
N VAL A 19 -1.29 -35.98 -33.43
CA VAL A 19 0.04 -35.66 -32.92
C VAL A 19 -0.11 -35.08 -31.52
N SER A 20 0.80 -35.44 -30.63
CA SER A 20 0.73 -35.03 -29.23
C SER A 20 2.09 -34.51 -28.80
N ILE A 21 2.23 -33.19 -28.72
CA ILE A 21 3.42 -32.55 -28.18
C ILE A 21 3.32 -32.53 -26.66
N THR A 22 4.43 -32.80 -25.99
CA THR A 22 4.46 -32.88 -24.53
C THR A 22 5.29 -31.74 -23.98
N CYS A 23 4.94 -31.29 -22.77
CA CYS A 23 5.62 -30.20 -22.09
C CYS A 23 5.72 -30.51 -20.61
N LYS A 24 6.92 -30.35 -20.05
CA LYS A 24 7.15 -30.56 -18.64
C LYS A 24 7.65 -29.27 -18.00
N ALA A 25 7.29 -29.07 -16.74
CA ALA A 25 7.70 -27.90 -15.97
C ALA A 25 8.55 -28.32 -14.79
N SER A 26 9.54 -27.48 -14.46
CA SER A 26 10.41 -27.79 -13.33
C SER A 26 9.63 -27.88 -12.03
N GLN A 27 8.66 -27.00 -11.82
CA GLN A 27 7.83 -27.01 -10.63
C GLN A 27 6.36 -27.01 -11.02
N ASP A 28 5.52 -27.18 -10.02
CA ASP A 28 4.08 -27.34 -10.24
C ASP A 28 3.46 -26.01 -10.64
N VAL A 29 2.94 -25.95 -11.87
CA VAL A 29 2.07 -24.86 -12.31
C VAL A 29 0.70 -25.46 -12.51
N ASN A 30 -0.32 -24.85 -11.91
CA ASN A 30 -1.62 -25.51 -11.79
C ASN A 30 -2.24 -25.80 -13.15
N THR A 31 -2.65 -24.76 -13.86
CA THR A 31 -2.98 -24.87 -15.27
C THR A 31 -2.06 -24.00 -16.10
N ALA A 32 -2.09 -22.68 -15.88
CA ALA A 32 -0.96 -21.77 -16.08
C ALA A 32 -0.07 -22.11 -17.25
N LEU A 33 -0.63 -22.37 -18.42
CA LEU A 33 0.19 -22.75 -19.55
C LEU A 33 -0.49 -22.35 -20.85
N ALA A 34 0.31 -21.84 -21.77
CA ALA A 34 -0.16 -21.40 -23.08
C ALA A 34 0.65 -22.10 -24.17
N TRP A 35 0.00 -22.31 -25.30
CA TRP A 35 0.60 -22.96 -26.46
C TRP A 35 0.51 -22.02 -27.64
N TYR A 36 1.66 -21.79 -28.28
CA TYR A 36 1.80 -20.92 -29.44
C TYR A 36 2.22 -21.72 -30.66
N GLN A 37 1.87 -21.20 -31.83
CA GLN A 37 2.30 -21.75 -33.12
C GLN A 37 2.98 -20.65 -33.91
N GLN A 38 4.16 -20.93 -34.46
CA GLN A 38 4.91 -19.97 -35.25
C GLN A 38 5.33 -20.59 -36.57
N ILE A 39 4.87 -20.00 -37.67
CA ILE A 39 5.41 -20.30 -38.99
C ILE A 39 6.80 -19.69 -39.11
N PRO A 40 7.79 -20.40 -39.62
CA PRO A 40 9.15 -19.85 -39.66
C PRO A 40 9.20 -18.55 -40.46
N GLY A 41 9.56 -17.47 -39.78
CA GLY A 41 9.66 -16.17 -40.41
C GLY A 41 8.51 -15.23 -40.16
N GLN A 42 7.66 -15.51 -39.17
CA GLN A 42 6.53 -14.65 -38.86
C GLN A 42 6.41 -14.52 -37.35
N SER A 43 5.32 -13.91 -36.91
CA SER A 43 5.07 -13.75 -35.49
C SER A 43 4.34 -14.97 -34.95
N PRO A 44 4.59 -15.37 -33.71
CA PRO A 44 3.84 -16.48 -33.12
C PRO A 44 2.36 -16.14 -33.02
N LYS A 45 1.55 -17.19 -32.99
CA LYS A 45 0.11 -17.05 -32.88
C LYS A 45 -0.38 -17.87 -31.69
N LEU A 46 -1.19 -17.25 -30.84
CA LEU A 46 -1.64 -17.91 -29.62
C LEU A 46 -2.70 -18.95 -29.95
N LEU A 47 -2.46 -20.19 -29.55
CA LEU A 47 -3.38 -21.29 -29.79
C LEU A 47 -4.18 -21.65 -28.56
N ILE A 48 -3.53 -21.88 -27.43
CA ILE A 48 -4.20 -22.34 -26.22
C ILE A 48 -3.76 -21.49 -25.05
N TYR A 49 -4.69 -21.16 -24.16
CA TYR A 49 -4.37 -20.52 -22.89
C TYR A 49 -5.01 -21.30 -21.76
N SER A 50 -4.41 -21.19 -20.57
CA SER A 50 -4.81 -21.94 -19.37
C SER A 50 -4.79 -23.44 -19.59
N ALA A 51 -3.98 -23.90 -20.55
CA ALA A 51 -3.64 -25.31 -20.75
C ALA A 51 -4.83 -26.14 -21.21
N SER A 52 -6.02 -25.55 -21.25
CA SER A 52 -7.19 -26.25 -21.78
C SER A 52 -8.06 -25.41 -22.69
N ASN A 53 -8.01 -24.09 -22.60
CA ASN A 53 -8.97 -23.22 -23.28
C ASN A 53 -8.42 -22.81 -24.64
N ARG A 54 -9.31 -22.78 -25.63
CA ARG A 54 -8.94 -22.52 -27.01
C ARG A 54 -9.27 -21.08 -27.36
N TYR A 55 -8.28 -20.35 -27.87
CA TYR A 55 -8.46 -18.96 -28.23
C TYR A 55 -9.45 -18.83 -29.38
N THR A 56 -10.12 -17.68 -29.44
CA THR A 56 -11.13 -17.45 -30.46
C THR A 56 -10.50 -17.40 -31.84
N GLY A 57 -10.99 -18.26 -32.74
CA GLY A 57 -10.44 -18.36 -34.07
C GLY A 57 -9.57 -19.56 -34.32
N VAL A 58 -9.14 -20.25 -33.28
CA VAL A 58 -8.31 -21.44 -33.45
C VAL A 58 -9.18 -22.60 -33.91
N PRO A 59 -8.77 -23.36 -34.93
CA PRO A 59 -9.59 -24.49 -35.37
C PRO A 59 -9.77 -25.52 -34.27
N ASP A 60 -10.91 -26.21 -34.33
CA ASP A 60 -11.27 -27.17 -33.29
C ASP A 60 -10.43 -28.44 -33.32
N ARG A 61 -9.43 -28.54 -34.19
CA ARG A 61 -8.57 -29.71 -34.21
C ARG A 61 -7.44 -29.61 -33.19
N PHE A 62 -7.15 -28.42 -32.68
CA PHE A 62 -6.16 -28.24 -31.63
C PHE A 62 -6.84 -28.34 -30.26
N THR A 63 -6.38 -29.26 -29.43
CA THR A 63 -6.83 -29.35 -28.05
C THR A 63 -5.63 -29.50 -27.15
N ALA A 64 -5.85 -29.33 -25.85
CA ALA A 64 -4.76 -29.40 -24.88
C ALA A 64 -5.32 -29.83 -23.53
N SER A 65 -4.46 -30.46 -22.75
CA SER A 65 -4.82 -30.95 -21.43
C SER A 65 -3.57 -30.99 -20.57
N GLY A 66 -3.77 -31.27 -19.29
CA GLY A 66 -2.67 -31.43 -18.36
C GLY A 66 -2.79 -30.47 -17.18
N SER A 67 -1.88 -30.70 -16.23
CA SER A 67 -1.91 -29.95 -14.97
C SER A 67 -0.68 -30.33 -14.17
N GLY A 68 -0.28 -29.43 -13.28
CA GLY A 68 0.88 -29.70 -12.46
C GLY A 68 2.17 -29.51 -13.23
N THR A 69 2.82 -30.62 -13.56
CA THR A 69 4.08 -30.57 -14.28
C THR A 69 4.03 -31.21 -15.66
N ASP A 70 2.94 -31.85 -16.04
CA ASP A 70 2.81 -32.51 -17.33
C ASP A 70 1.66 -31.89 -18.11
N PHE A 71 1.93 -31.54 -19.37
CA PHE A 71 0.94 -30.95 -20.26
C PHE A 71 1.08 -31.55 -21.64
N THR A 72 -0.05 -31.67 -22.34
CA THR A 72 -0.08 -32.26 -23.67
C THR A 72 -0.91 -31.38 -24.59
N PHE A 73 -0.44 -31.20 -25.81
CA PHE A 73 -1.14 -30.42 -26.82
C PHE A 73 -1.24 -31.28 -28.07
N THR A 74 -2.47 -31.60 -28.47
CA THR A 74 -2.69 -32.60 -29.50
C THR A 74 -3.52 -32.03 -30.66
N ILE A 75 -3.13 -32.44 -31.86
CA ILE A 75 -3.86 -32.16 -33.09
C ILE A 75 -4.50 -33.47 -33.53
N SER A 76 -5.83 -33.47 -33.67
CA SER A 76 -6.55 -34.69 -34.02
C SER A 76 -6.44 -35.02 -35.50
N SER A 77 -6.12 -34.04 -36.34
CA SER A 77 -5.99 -34.27 -37.77
C SER A 77 -5.07 -33.20 -38.34
N VAL A 78 -3.86 -33.61 -38.74
CA VAL A 78 -2.88 -32.66 -39.22
C VAL A 78 -3.24 -32.17 -40.63
N GLN A 79 -2.93 -30.90 -40.89
CA GLN A 79 -2.99 -30.32 -42.21
C GLN A 79 -1.61 -29.80 -42.59
N ALA A 80 -1.47 -29.37 -43.85
CA ALA A 80 -0.20 -28.84 -44.30
C ALA A 80 0.09 -27.47 -43.70
N GLU A 81 -0.93 -26.75 -43.24
CA GLU A 81 -0.74 -25.46 -42.60
C GLU A 81 -0.50 -25.57 -41.10
N ASP A 82 -0.39 -26.79 -40.57
CA ASP A 82 -0.16 -26.99 -39.15
C ASP A 82 1.27 -27.37 -38.81
N LEU A 83 2.09 -27.69 -39.81
CA LEU A 83 3.49 -28.03 -39.59
C LEU A 83 4.27 -26.76 -39.36
N ALA A 84 4.49 -26.41 -38.09
CA ALA A 84 5.16 -25.19 -37.71
C ALA A 84 5.98 -25.48 -36.46
N LEU A 85 6.43 -24.42 -35.80
CA LEU A 85 7.18 -24.54 -34.56
C LEU A 85 6.24 -24.20 -33.41
N TYR A 86 6.00 -25.16 -32.52
CA TYR A 86 5.06 -25.00 -31.43
C TYR A 86 5.81 -24.72 -30.13
N TYR A 87 5.39 -23.67 -29.43
CA TYR A 87 6.06 -23.21 -28.23
C TYR A 87 5.15 -23.37 -27.02
N CYS A 88 5.78 -23.56 -25.87
CA CYS A 88 5.11 -23.84 -24.61
C CYS A 88 5.52 -22.77 -23.60
N GLN A 89 4.59 -21.87 -23.27
CA GLN A 89 4.85 -20.79 -22.34
C GLN A 89 4.14 -21.05 -21.03
N GLN A 90 4.76 -20.67 -19.93
CA GLN A 90 4.13 -20.71 -18.62
C GLN A 90 3.79 -19.28 -18.19
N HIS A 91 2.55 -19.08 -17.74
CA HIS A 91 2.20 -17.80 -17.15
C HIS A 91 1.82 -17.97 -15.69
N TYR A 92 2.62 -18.76 -14.97
CA TYR A 92 2.41 -19.00 -13.56
C TYR A 92 3.10 -17.95 -12.69
N THR A 93 4.30 -17.55 -13.06
CA THR A 93 5.03 -16.53 -12.31
C THR A 93 6.07 -15.88 -13.22
N THR A 94 6.44 -14.65 -12.87
CA THR A 94 7.44 -13.91 -13.60
C THR A 94 8.85 -14.36 -13.19
N PRO A 95 9.80 -14.40 -14.13
CA PRO A 95 9.69 -14.08 -15.55
C PRO A 95 8.98 -15.14 -16.37
N TRP A 96 8.15 -14.70 -17.33
CA TRP A 96 7.50 -15.64 -18.23
C TRP A 96 8.56 -16.38 -19.04
N THR A 97 8.47 -17.71 -19.04
CA THR A 97 9.45 -18.56 -19.68
C THR A 97 8.78 -19.41 -20.76
N PHE A 98 9.43 -19.52 -21.91
CA PHE A 98 8.94 -20.33 -23.00
C PHE A 98 9.70 -21.65 -23.07
N GLY A 99 9.14 -22.60 -23.82
CA GLY A 99 9.82 -23.82 -24.12
C GLY A 99 10.74 -23.68 -25.32
N GLY A 100 11.45 -24.76 -25.62
CA GLY A 100 12.39 -24.73 -26.73
C GLY A 100 11.74 -24.81 -28.09
N GLY A 101 10.63 -25.51 -28.18
CA GLY A 101 9.90 -25.65 -29.43
C GLY A 101 9.98 -27.08 -29.95
N THR A 102 8.96 -27.49 -30.69
CA THR A 102 8.93 -28.77 -31.38
C THR A 102 8.42 -28.55 -32.79
N LYS A 103 9.30 -28.72 -33.77
CA LYS A 103 8.90 -28.61 -35.18
C LYS A 103 8.26 -29.90 -35.65
N LEU A 104 7.06 -29.80 -36.18
CA LEU A 104 6.39 -30.94 -36.78
C LEU A 104 6.84 -31.11 -38.23
N GLU A 105 7.06 -32.36 -38.63
CA GLU A 105 7.61 -32.70 -39.92
C GLU A 105 6.59 -33.50 -40.74
N ILE A 106 7.00 -33.87 -41.94
CA ILE A 106 6.34 -34.92 -42.71
C ILE A 106 7.31 -36.09 -42.80
N LYS A 107 6.80 -37.30 -42.63
CA LYS A 107 7.64 -38.48 -42.63
C LYS A 107 8.40 -38.60 -43.95
N ARG A 108 9.65 -39.03 -43.87
CA ARG A 108 10.54 -39.08 -45.03
C ARG A 108 10.22 -40.25 -45.94
N ALA B 1 -9.58 -5.07 -34.25
CA ALA B 1 -8.67 -4.41 -35.18
C ALA B 1 -7.40 -3.94 -34.47
N VAL B 2 -6.92 -4.76 -33.53
CA VAL B 2 -5.70 -4.41 -32.81
C VAL B 2 -4.49 -4.67 -33.69
N HIS B 3 -3.67 -3.63 -33.88
CA HIS B 3 -2.51 -3.73 -34.75
C HIS B 3 -1.30 -3.13 -34.04
N LEU B 4 -0.21 -3.90 -34.01
CA LEU B 4 1.07 -3.44 -33.48
C LEU B 4 2.06 -3.36 -34.63
N GLN B 5 2.69 -2.21 -34.80
CA GLN B 5 3.59 -1.95 -35.91
C GLN B 5 4.95 -1.55 -35.35
N GLY B 6 5.94 -2.43 -35.49
CA GLY B 6 7.29 -2.13 -35.07
C GLY B 6 8.11 -1.53 -36.20
N THR B 7 9.18 -0.85 -35.82
CA THR B 7 10.12 -0.34 -36.82
C THR B 7 10.87 -1.49 -37.49
N GLU B 8 11.67 -1.16 -38.50
CA GLU B 8 12.30 -2.15 -39.34
C GLU B 8 13.76 -2.36 -38.91
N LEU B 9 14.51 -3.12 -39.72
CA LEU B 9 15.85 -3.59 -39.37
C LEU B 9 16.75 -2.49 -38.84
N VAL B 10 17.67 -2.86 -37.97
CA VAL B 10 18.74 -2.00 -37.50
C VAL B 10 20.03 -2.81 -37.44
N LYS B 11 21.16 -2.13 -37.62
CA LYS B 11 22.48 -2.75 -37.61
C LYS B 11 23.46 -1.85 -36.87
N PRO B 12 23.43 -1.85 -35.55
CA PRO B 12 24.40 -1.07 -34.77
C PRO B 12 25.72 -1.82 -34.60
N GLY B 13 26.77 -1.06 -34.35
CA GLY B 13 28.05 -1.64 -33.99
C GLY B 13 28.00 -2.23 -32.60
N ALA B 14 29.09 -2.88 -32.21
CA ALA B 14 29.13 -3.54 -30.91
C ALA B 14 29.61 -2.61 -29.80
N SER B 15 29.06 -1.40 -29.76
CA SER B 15 29.32 -0.51 -28.64
C SER B 15 28.12 0.29 -28.16
N ALA B 16 27.10 0.52 -28.98
CA ALA B 16 26.09 1.52 -28.69
C ALA B 16 24.72 0.88 -28.49
N GLY B 17 23.72 1.73 -28.31
CA GLY B 17 22.35 1.29 -28.13
C GLY B 17 21.43 1.75 -29.24
N VAL B 18 20.37 1.00 -29.45
CA VAL B 18 19.34 1.32 -30.45
C VAL B 18 17.98 1.31 -29.77
N LYS B 19 17.14 2.25 -30.15
CA LYS B 19 15.81 2.41 -29.55
C LYS B 19 14.75 1.87 -30.49
N LEU B 20 14.21 0.70 -30.15
CA LEU B 20 13.15 0.10 -30.94
C LEU B 20 11.81 0.67 -30.53
N SER B 21 10.89 0.75 -31.50
CA SER B 21 9.60 1.38 -31.29
C SER B 21 8.48 0.45 -31.73
N CYS B 22 7.31 0.66 -31.15
CA CYS B 22 6.14 -0.16 -31.43
C CYS B 22 4.91 0.72 -31.31
N LYS B 23 4.20 0.90 -32.42
CA LYS B 23 3.03 1.75 -32.48
C LYS B 23 1.77 0.90 -32.41
N ALA B 24 0.89 1.24 -31.47
CA ALA B 24 -0.34 0.49 -31.22
C ALA B 24 -1.53 1.22 -31.81
N SER B 25 -2.45 0.46 -32.39
CA SER B 25 -3.65 1.04 -32.97
C SER B 25 -4.82 0.11 -32.76
N GLY B 26 -5.97 0.67 -32.40
CA GLY B 26 -7.19 -0.09 -32.30
C GLY B 26 -7.74 -0.33 -30.92
N TYR B 27 -7.15 0.29 -29.89
CA TYR B 27 -7.64 0.09 -28.54
C TYR B 27 -7.14 1.21 -27.64
N THR B 28 -7.73 1.30 -26.45
CA THR B 28 -7.28 2.26 -25.45
C THR B 28 -5.87 1.86 -25.00
N PHE B 29 -4.88 2.65 -25.42
CA PHE B 29 -3.49 2.28 -25.21
C PHE B 29 -3.17 2.05 -23.75
N THR B 30 -3.73 2.87 -22.86
CA THR B 30 -3.44 2.80 -21.44
C THR B 30 -4.19 1.70 -20.73
N ASN B 31 -4.90 0.83 -21.45
CA ASN B 31 -5.64 -0.26 -20.83
C ASN B 31 -4.89 -1.57 -20.83
N TYR B 32 -3.73 -1.64 -21.48
CA TYR B 32 -2.98 -2.89 -21.59
C TYR B 32 -1.50 -2.61 -21.50
N ASP B 33 -0.80 -3.42 -20.72
CA ASP B 33 0.65 -3.36 -20.68
C ASP B 33 1.23 -3.81 -22.01
N MET B 34 2.45 -3.35 -22.28
CA MET B 34 3.17 -3.75 -23.48
C MET B 34 4.37 -4.60 -23.08
N ASN B 35 4.45 -5.81 -23.63
CA ASN B 35 5.52 -6.74 -23.33
C ASN B 35 6.51 -6.78 -24.48
N TRP B 36 7.76 -7.04 -24.14
CA TRP B 36 8.83 -7.17 -25.13
C TRP B 36 9.45 -8.56 -25.00
N VAL B 37 9.51 -9.29 -26.10
CA VAL B 37 10.16 -10.60 -26.09
C VAL B 37 11.28 -10.62 -27.11
N ARG B 38 12.19 -11.56 -26.92
CA ARG B 38 13.38 -11.73 -27.75
C ARG B 38 13.38 -13.13 -28.34
N GLN B 39 13.78 -13.26 -29.59
CA GLN B 39 13.95 -14.56 -30.23
C GLN B 39 15.31 -14.60 -30.91
N ARG B 40 16.23 -15.36 -30.32
CA ARG B 40 17.49 -15.77 -30.92
C ARG B 40 17.29 -17.08 -31.67
N PRO B 41 18.00 -17.29 -32.78
CA PRO B 41 17.81 -18.52 -33.55
C PRO B 41 18.25 -19.80 -32.85
N GLU B 42 18.88 -19.72 -31.68
CA GLU B 42 19.31 -20.95 -31.01
C GLU B 42 18.78 -21.06 -29.59
N GLN B 43 18.70 -19.94 -28.87
CA GLN B 43 18.29 -19.95 -27.47
C GLN B 43 16.79 -19.74 -27.30
N GLY B 44 16.02 -19.71 -28.39
CA GLY B 44 14.58 -19.66 -28.30
C GLY B 44 14.04 -18.28 -27.90
N LEU B 45 12.77 -18.27 -27.52
CA LEU B 45 12.09 -17.06 -27.10
C LEU B 45 12.44 -16.73 -25.65
N GLU B 46 12.42 -15.44 -25.34
CA GLU B 46 12.74 -14.98 -23.99
C GLU B 46 11.97 -13.69 -23.73
N TRP B 47 11.49 -13.54 -22.49
CA TRP B 47 10.69 -12.39 -22.11
C TRP B 47 11.58 -11.32 -21.49
N ILE B 48 11.49 -10.10 -22.02
CA ILE B 48 12.34 -9.01 -21.56
C ILE B 48 11.69 -8.24 -20.43
N GLY B 49 10.46 -7.79 -20.62
CA GLY B 49 9.76 -7.06 -19.58
C GLY B 49 8.45 -6.53 -20.10
N TRP B 50 7.76 -5.81 -19.22
CA TRP B 50 6.52 -5.14 -19.58
C TRP B 50 6.52 -3.72 -19.04
N ILE B 51 5.77 -2.87 -19.72
CA ILE B 51 5.60 -1.47 -19.36
C ILE B 51 4.12 -1.15 -19.40
N PHE B 52 3.58 -0.66 -18.28
CA PHE B 52 2.21 -0.15 -18.24
C PHE B 52 2.26 1.32 -18.63
N PRO B 53 1.65 1.71 -19.74
CA PRO B 53 1.77 3.12 -20.18
C PRO B 53 1.10 4.10 -19.25
N GLY B 54 -0.12 3.83 -18.81
CA GLY B 54 -0.65 4.57 -17.70
C GLY B 54 0.14 4.21 -16.46
N ASP B 55 0.62 5.21 -15.74
CA ASP B 55 1.46 5.14 -14.54
C ASP B 55 2.89 4.75 -14.95
N GLY B 56 3.12 4.36 -16.20
CA GLY B 56 4.45 4.00 -16.67
C GLY B 56 5.20 3.05 -15.77
N SER B 57 4.62 1.89 -15.48
CA SER B 57 5.17 0.98 -14.48
C SER B 57 5.83 -0.21 -15.16
N THR B 58 7.10 -0.44 -14.87
CA THR B 58 7.89 -1.44 -15.57
C THR B 58 8.14 -2.66 -14.69
N ARG B 59 8.39 -3.78 -15.36
CA ARG B 59 8.96 -4.96 -14.70
C ARG B 59 9.79 -5.73 -15.70
N TYR B 60 11.03 -6.02 -15.36
CA TYR B 60 11.94 -6.80 -16.18
C TYR B 60 12.20 -8.15 -15.51
N ASN B 61 13.02 -8.96 -16.16
CA ASN B 61 13.63 -10.11 -15.51
C ASN B 61 15.06 -9.76 -15.14
N GLU B 62 15.67 -10.63 -14.34
CA GLU B 62 17.02 -10.37 -13.85
C GLU B 62 18.06 -10.34 -14.96
N LYS B 63 17.76 -10.91 -16.12
CA LYS B 63 18.74 -10.98 -17.19
C LYS B 63 18.88 -9.66 -17.93
N PHE B 64 17.78 -8.96 -18.18
CA PHE B 64 17.79 -7.73 -18.96
C PHE B 64 17.59 -6.49 -18.09
N LYS B 65 18.13 -6.49 -16.88
CA LYS B 65 17.92 -5.35 -15.98
C LYS B 65 18.68 -4.13 -16.47
N GLY B 66 20.00 -4.22 -16.51
CA GLY B 66 20.83 -3.13 -16.99
C GLY B 66 21.05 -3.12 -18.49
N LYS B 67 20.31 -3.93 -19.25
CA LYS B 67 20.51 -4.08 -20.67
C LYS B 67 19.44 -3.41 -21.51
N ALA B 68 18.23 -3.26 -20.99
CA ALA B 68 17.14 -2.64 -21.71
C ALA B 68 16.30 -1.81 -20.75
N THR B 69 15.83 -0.66 -21.21
CA THR B 69 14.93 0.19 -20.45
C THR B 69 13.70 0.48 -21.31
N LEU B 70 12.52 0.30 -20.74
CA LEU B 70 11.28 0.49 -21.46
C LEU B 70 10.72 1.89 -21.21
N THR B 71 10.04 2.43 -22.20
CA THR B 71 9.47 3.76 -22.10
C THR B 71 8.19 3.81 -22.92
N THR B 72 7.24 4.63 -22.48
CA THR B 72 5.97 4.77 -23.17
C THR B 72 5.77 6.22 -23.59
N ASP B 73 4.92 6.41 -24.59
CA ASP B 73 4.60 7.73 -25.10
C ASP B 73 3.12 7.74 -25.46
N LYS B 74 2.31 8.32 -24.58
CA LYS B 74 0.92 8.60 -24.87
C LYS B 74 0.82 9.82 -25.78
N SER B 75 -0.38 10.05 -26.31
CA SER B 75 -0.69 11.00 -27.37
C SER B 75 -0.04 10.60 -28.69
N SER B 76 0.79 9.56 -28.69
CA SER B 76 1.30 8.94 -29.90
C SER B 76 1.13 7.43 -29.88
N SER B 77 0.74 6.84 -28.75
CA SER B 77 0.53 5.40 -28.61
C SER B 77 1.77 4.61 -29.05
N THR B 78 2.91 4.95 -28.48
CA THR B 78 4.16 4.29 -28.85
C THR B 78 4.86 3.72 -27.63
N ALA B 79 5.52 2.59 -27.83
CA ALA B 79 6.39 1.98 -26.84
C ALA B 79 7.82 1.94 -27.37
N TYR B 80 8.79 2.05 -26.48
CA TYR B 80 10.18 2.16 -26.85
C TYR B 80 11.03 1.28 -25.95
N GLN B 81 12.06 0.67 -26.53
CA GLN B 81 13.07 -0.10 -25.83
C GLN B 81 14.44 0.49 -26.17
N LEU B 82 15.36 0.47 -25.21
CA LEU B 82 16.60 1.23 -25.34
C LEU B 82 17.82 0.39 -25.71
N ASN B 83 17.93 -0.86 -25.24
CA ASN B 83 19.00 -1.75 -25.67
C ASN B 83 20.39 -1.16 -25.41
N ARG B 84 20.76 -1.02 -24.14
CA ARG B 84 21.89 -0.18 -23.73
C ARG B 84 23.25 -0.55 -24.34
N LEU B 85 23.78 -1.73 -24.04
CA LEU B 85 25.14 -2.05 -24.43
C LEU B 85 25.23 -2.83 -25.75
N THR B 86 24.42 -3.87 -25.91
CA THR B 86 24.25 -4.55 -27.20
C THR B 86 25.58 -5.11 -27.71
N SER B 87 26.12 -6.07 -26.97
CA SER B 87 27.40 -6.64 -27.34
C SER B 87 27.27 -7.67 -28.46
N GLU B 88 26.56 -8.77 -28.21
CA GLU B 88 26.21 -9.74 -29.27
C GLU B 88 24.76 -10.17 -29.05
N ASP B 89 23.87 -9.20 -28.87
CA ASP B 89 22.47 -9.45 -28.57
C ASP B 89 21.61 -9.43 -29.82
N SER B 90 22.17 -9.90 -30.93
CA SER B 90 21.47 -9.90 -32.22
C SER B 90 20.34 -10.91 -32.17
N ALA B 91 19.12 -10.46 -32.43
CA ALA B 91 17.94 -11.31 -32.36
C ALA B 91 16.76 -10.55 -32.95
N VAL B 92 15.61 -11.21 -33.02
CA VAL B 92 14.37 -10.58 -33.47
C VAL B 92 13.56 -10.20 -32.24
N TYR B 93 13.19 -8.93 -32.13
CA TYR B 93 12.49 -8.42 -30.96
C TYR B 93 11.03 -8.21 -31.32
N PHE B 94 10.14 -8.67 -30.43
CA PHE B 94 8.71 -8.60 -30.63
C PHE B 94 8.06 -7.73 -29.57
N CYS B 95 7.03 -6.99 -29.97
CA CYS B 95 6.21 -6.16 -29.11
C CYS B 95 4.84 -6.80 -29.02
N ALA B 96 4.47 -7.30 -27.85
CA ALA B 96 3.28 -8.11 -27.66
C ALA B 96 2.33 -7.47 -26.66
N ARG B 97 1.07 -7.91 -26.73
CA ARG B 97 0.01 -7.41 -25.87
C ARG B 97 -0.85 -8.60 -25.46
N ARG B 98 -1.43 -8.51 -24.27
CA ARG B 98 -2.04 -9.66 -23.59
C ARG B 98 -3.12 -10.37 -24.41
N GLY B 99 -4.22 -9.69 -24.63
CA GLY B 99 -5.44 -10.31 -25.09
C GLY B 99 -6.62 -9.86 -24.26
N SER B 100 -7.76 -10.48 -24.52
CA SER B 100 -8.98 -10.12 -23.82
C SER B 100 -9.25 -10.95 -22.58
N HIS B 101 -8.47 -12.00 -22.31
CA HIS B 101 -8.85 -12.94 -21.27
C HIS B 101 -8.45 -12.44 -19.88
N GLY B 102 -7.15 -12.27 -19.66
CA GLY B 102 -6.68 -11.88 -18.34
C GLY B 102 -5.42 -12.61 -17.93
N SER B 103 -5.19 -13.77 -18.54
CA SER B 103 -3.91 -14.44 -18.39
C SER B 103 -2.85 -13.70 -19.18
N TYR B 104 -1.59 -13.89 -18.78
CA TYR B 104 -0.51 -13.29 -19.55
C TYR B 104 -0.11 -14.18 -20.71
N SER B 105 -1.11 -14.61 -21.46
CA SER B 105 -0.91 -15.09 -22.81
C SER B 105 -0.74 -13.89 -23.73
N PHE B 106 -0.19 -14.12 -24.90
CA PHE B 106 0.10 -13.04 -25.84
C PHE B 106 -0.68 -13.29 -27.12
N ALA B 107 -1.79 -12.56 -27.26
CA ALA B 107 -2.67 -12.74 -28.41
C ALA B 107 -2.18 -11.95 -29.62
N TYR B 108 -1.76 -10.71 -29.39
CA TYR B 108 -1.38 -9.80 -30.46
C TYR B 108 0.12 -9.56 -30.41
N TRP B 109 0.80 -9.85 -31.51
CA TRP B 109 2.23 -9.67 -31.63
C TRP B 109 2.53 -8.68 -32.75
N GLY B 110 3.65 -7.99 -32.64
CA GLY B 110 4.14 -7.22 -33.75
C GLY B 110 4.80 -8.10 -34.78
N GLN B 111 5.14 -7.50 -35.92
CA GLN B 111 5.76 -8.27 -36.99
C GLN B 111 7.19 -8.64 -36.68
N GLY B 112 7.80 -8.01 -35.67
CA GLY B 112 9.16 -8.33 -35.30
C GLY B 112 10.16 -7.40 -35.94
N THR B 113 11.15 -6.97 -35.17
CA THR B 113 12.22 -6.12 -35.67
C THR B 113 13.55 -6.80 -35.42
N LEU B 114 14.34 -6.99 -36.47
CA LEU B 114 15.61 -7.69 -36.36
C LEU B 114 16.70 -6.70 -35.97
N VAL B 115 17.57 -7.13 -35.05
CA VAL B 115 18.70 -6.34 -34.59
C VAL B 115 19.93 -7.20 -34.73
N THR B 116 20.86 -6.75 -35.58
CA THR B 116 22.10 -7.46 -35.84
C THR B 116 23.27 -6.60 -35.38
N VAL B 117 24.18 -7.21 -34.62
CA VAL B 117 25.33 -6.51 -34.07
C VAL B 117 26.58 -7.05 -34.74
N SER B 118 27.26 -6.21 -35.51
CA SER B 118 28.45 -6.63 -36.24
C SER B 118 29.38 -5.43 -36.37
N GLY B 119 30.37 -5.56 -37.26
CA GLY B 119 31.32 -4.49 -37.50
C GLY B 119 31.70 -4.36 -38.97
N GLY C 37 -5.73 46.68 9.59
CA GLY C 37 -5.77 47.41 8.33
C GLY C 37 -4.82 46.87 7.28
N VAL C 38 -4.36 47.75 6.40
CA VAL C 38 -3.47 47.32 5.33
C VAL C 38 -2.04 47.11 5.82
N GLY C 39 -1.60 47.89 6.80
CA GLY C 39 -0.25 47.76 7.29
C GLY C 39 -0.15 47.48 8.77
N ILE C 40 -1.06 46.66 9.30
CA ILE C 40 -1.06 46.27 10.70
C ILE C 40 -1.14 44.76 10.77
N SER C 41 -0.23 44.15 11.53
CA SER C 41 -0.24 42.71 11.70
C SER C 41 -1.42 42.29 12.57
N THR C 42 -1.98 41.13 12.26
CA THR C 42 -3.19 40.64 12.92
C THR C 42 -2.91 39.49 13.88
N GLY C 43 -1.64 39.12 14.06
CA GLY C 43 -1.31 38.01 14.93
C GLY C 43 0.18 37.91 15.10
N THR C 44 0.59 36.90 15.87
CA THR C 44 1.99 36.70 16.21
C THR C 44 2.40 35.27 15.90
N PHE C 45 3.70 35.09 15.67
CA PHE C 45 4.28 33.78 15.40
C PHE C 45 4.74 33.15 16.71
N ASN C 46 4.31 31.93 16.97
CA ASN C 46 4.67 31.22 18.18
C ASN C 46 4.77 29.74 17.88
N ASN C 47 5.96 29.17 18.06
CA ASN C 47 6.18 27.74 17.85
C ASN C 47 6.96 27.16 19.02
N GLN C 48 6.57 27.53 20.24
CA GLN C 48 7.22 27.07 21.45
C GLN C 48 6.37 26.00 22.12
N THR C 49 7.03 25.05 22.77
CA THR C 49 6.36 24.05 23.58
C THR C 49 6.63 24.34 25.06
N GLU C 50 5.57 24.61 25.81
CA GLU C 50 5.68 24.99 27.21
C GLU C 50 5.27 23.82 28.09
N PHE C 51 6.08 23.54 29.11
CA PHE C 51 5.83 22.49 30.09
C PHE C 51 5.52 23.18 31.42
N LYS C 52 4.29 23.07 31.89
CA LYS C 52 3.89 23.65 33.16
C LYS C 52 3.68 22.52 34.17
N PHE C 53 4.52 22.48 35.20
CA PHE C 53 4.51 21.37 36.14
C PHE C 53 3.57 21.70 37.30
N LEU C 54 2.33 21.25 37.19
CA LEU C 54 1.41 21.28 38.31
C LEU C 54 1.90 20.35 39.42
N GLU C 55 1.23 20.41 40.56
CA GLU C 55 1.58 19.54 41.66
C GLU C 55 0.91 18.17 41.50
N ASN C 56 1.32 17.25 42.38
CA ASN C 56 0.85 15.86 42.40
C ASN C 56 1.32 15.06 41.21
N GLY C 57 2.33 15.54 40.49
CA GLY C 57 2.89 14.80 39.37
C GLY C 57 2.16 14.96 38.07
N TRP C 58 1.43 16.06 37.89
CA TRP C 58 0.70 16.33 36.65
C TRP C 58 1.34 17.49 35.92
N VAL C 59 1.44 17.36 34.60
CA VAL C 59 2.09 18.35 33.75
C VAL C 59 1.11 18.77 32.66
N GLU C 60 1.06 20.06 32.38
CA GLU C 60 0.38 20.55 31.19
C GLU C 60 1.40 20.81 30.10
N ILE C 61 1.13 20.30 28.91
CA ILE C 61 2.02 20.46 27.77
C ILE C 61 1.27 21.30 26.74
N THR C 62 1.71 22.53 26.54
CA THR C 62 1.10 23.42 25.57
C THR C 62 2.00 23.47 24.34
N ALA C 63 1.54 22.88 23.25
CA ALA C 63 2.28 22.84 22.00
C ALA C 63 1.73 23.91 21.06
N ASN C 64 2.58 24.85 20.69
CA ASN C 64 2.23 25.89 19.74
C ASN C 64 2.89 25.60 18.40
N SER C 65 2.11 25.66 17.33
CA SER C 65 2.61 25.38 16.00
C SER C 65 2.21 26.51 15.06
N SER C 66 3.19 27.10 14.39
CA SER C 66 2.94 28.19 13.47
C SER C 66 3.55 27.87 12.11
N ARG C 67 2.76 28.03 11.06
CA ARG C 67 3.21 27.75 9.71
C ARG C 67 2.80 28.89 8.78
N LEU C 68 3.49 28.98 7.66
CA LEU C 68 3.13 29.90 6.58
C LEU C 68 2.56 29.07 5.45
N VAL C 69 1.26 29.21 5.20
CA VAL C 69 0.56 28.37 4.24
C VAL C 69 0.41 29.13 2.93
N HIS C 70 0.81 28.48 1.84
CA HIS C 70 0.76 29.01 0.49
C HIS C 70 -0.35 28.29 -0.28
N LEU C 71 -1.25 29.06 -0.88
CA LEU C 71 -2.44 28.52 -1.52
C LEU C 71 -2.60 29.10 -2.92
N ASN C 72 -2.86 28.24 -3.89
CA ASN C 72 -3.12 28.65 -5.26
C ASN C 72 -4.63 28.68 -5.51
N MET C 73 -5.00 29.23 -6.65
CA MET C 73 -6.41 29.27 -7.01
C MET C 73 -6.84 27.92 -7.58
N PRO C 74 -8.09 27.53 -7.37
CA PRO C 74 -8.53 26.19 -7.81
C PRO C 74 -8.38 26.02 -9.32
N GLU C 75 -8.13 24.78 -9.73
CA GLU C 75 -8.03 24.47 -11.15
C GLU C 75 -9.36 24.69 -11.84
N SER C 76 -10.46 24.47 -11.12
CA SER C 76 -11.80 24.73 -11.61
C SER C 76 -12.70 25.02 -10.42
N GLU C 77 -13.54 26.04 -10.55
CA GLU C 77 -14.43 26.45 -9.47
C GLU C 77 -15.74 25.67 -9.45
N ASN C 78 -15.75 24.47 -10.02
CA ASN C 78 -16.92 23.61 -10.02
C ASN C 78 -16.63 22.34 -9.25
N TYR C 79 -17.70 21.71 -8.76
CA TYR C 79 -17.60 20.40 -8.16
C TYR C 79 -17.61 19.34 -9.25
N ARG C 80 -16.71 18.38 -9.16
CA ARG C 80 -16.62 17.33 -10.16
C ARG C 80 -16.94 15.99 -9.54
N ARG C 81 -17.59 15.13 -10.31
CA ARG C 81 -17.85 13.75 -9.93
C ARG C 81 -17.01 12.87 -10.84
N VAL C 82 -15.93 12.32 -10.30
CA VAL C 82 -14.96 11.57 -11.08
C VAL C 82 -14.98 10.11 -10.64
N VAL C 83 -14.89 9.20 -11.60
CA VAL C 83 -14.77 7.78 -11.34
C VAL C 83 -13.38 7.33 -11.77
N VAL C 84 -12.68 6.65 -10.87
CA VAL C 84 -11.36 6.08 -11.16
C VAL C 84 -11.54 4.57 -11.27
N ASN C 85 -11.14 4.01 -12.42
CA ASN C 85 -11.26 2.59 -12.71
C ASN C 85 -9.96 2.15 -13.37
N ASN C 86 -9.12 1.44 -12.63
CA ASN C 86 -7.84 0.95 -13.16
C ASN C 86 -7.98 -0.46 -13.74
N MET C 87 -8.91 -0.59 -14.70
CA MET C 87 -9.15 -1.84 -15.41
C MET C 87 -7.87 -2.47 -15.95
N ASP C 88 -6.86 -1.67 -16.27
CA ASP C 88 -5.66 -2.21 -16.90
C ASP C 88 -4.94 -3.20 -16.00
N LYS C 89 -4.92 -2.95 -14.70
CA LYS C 89 -4.19 -3.80 -13.77
C LYS C 89 -5.06 -4.91 -13.17
N THR C 90 -6.35 -4.67 -12.98
CA THR C 90 -7.23 -5.66 -12.37
C THR C 90 -7.85 -6.61 -13.38
N ALA C 91 -7.71 -6.35 -14.67
CA ALA C 91 -8.10 -7.34 -15.67
C ALA C 91 -7.12 -8.48 -15.75
N VAL C 92 -5.91 -8.30 -15.23
CA VAL C 92 -4.94 -9.38 -15.14
C VAL C 92 -5.33 -10.29 -13.97
N ASN C 93 -5.34 -11.60 -14.21
CA ASN C 93 -5.72 -12.55 -13.19
C ASN C 93 -4.63 -12.62 -12.11
N GLY C 94 -5.01 -12.35 -10.87
CA GLY C 94 -4.10 -12.36 -9.75
C GLY C 94 -3.83 -11.00 -9.14
N ASN C 95 -4.31 -9.91 -9.73
CA ASN C 95 -4.04 -8.56 -9.25
C ASN C 95 -5.24 -7.94 -8.56
N MET C 96 -6.03 -8.74 -7.83
CA MET C 96 -7.18 -8.20 -7.11
C MET C 96 -6.77 -7.15 -6.10
N ALA C 97 -5.64 -7.36 -5.42
CA ALA C 97 -5.21 -6.45 -4.38
C ALA C 97 -4.77 -5.09 -4.93
N LEU C 98 -4.54 -4.98 -6.23
CA LEU C 98 -4.16 -3.71 -6.84
C LEU C 98 -5.36 -2.90 -7.28
N ASP C 99 -6.54 -3.19 -6.75
CA ASP C 99 -7.75 -2.49 -7.16
C ASP C 99 -7.74 -1.06 -6.61
N ASP C 100 -8.06 -0.11 -7.48
CA ASP C 100 -8.18 1.29 -7.08
C ASP C 100 -9.47 1.92 -7.60
N ILE C 101 -10.54 1.15 -7.76
CA ILE C 101 -11.79 1.68 -8.27
C ILE C 101 -12.46 2.51 -7.18
N HIS C 102 -12.97 3.68 -7.54
CA HIS C 102 -13.80 4.44 -6.62
C HIS C 102 -14.44 5.60 -7.38
N ALA C 103 -15.26 6.34 -6.66
CA ALA C 103 -15.88 7.56 -7.16
C ALA C 103 -15.71 8.65 -6.12
N GLN C 104 -15.33 9.84 -6.57
CA GLN C 104 -15.09 10.91 -5.61
C GLN C 104 -15.59 12.24 -6.17
N ILE C 105 -16.11 13.06 -5.27
CA ILE C 105 -16.38 14.45 -5.56
C ILE C 105 -15.10 15.23 -5.29
N VAL C 106 -14.62 15.93 -6.32
CA VAL C 106 -13.49 16.84 -6.24
C VAL C 106 -14.03 18.24 -6.06
N THR C 107 -13.52 18.93 -5.06
CA THR C 107 -14.01 20.19 -4.54
C THR C 107 -13.02 21.32 -4.80
N PRO C 108 -13.50 22.52 -5.13
CA PRO C 108 -12.59 23.66 -5.29
C PRO C 108 -11.98 24.16 -3.98
N TRP C 109 -12.27 23.53 -2.85
CA TRP C 109 -11.76 23.96 -1.57
C TRP C 109 -10.53 23.13 -1.19
N SER C 110 -9.74 23.68 -0.26
CA SER C 110 -8.58 23.00 0.27
C SER C 110 -8.74 22.82 1.77
N LEU C 111 -8.09 21.79 2.31
CA LEU C 111 -8.20 21.45 3.72
C LEU C 111 -6.90 21.80 4.43
N VAL C 112 -7.01 22.29 5.66
CA VAL C 112 -5.85 22.61 6.49
C VAL C 112 -5.85 21.61 7.65
N ASP C 113 -5.02 20.58 7.56
CA ASP C 113 -4.97 19.51 8.54
C ASP C 113 -3.73 19.64 9.40
N ALA C 114 -3.91 19.48 10.71
CA ALA C 114 -2.82 19.50 11.67
C ALA C 114 -2.94 18.31 12.61
N ASN C 115 -3.48 17.20 12.12
CA ASN C 115 -3.70 16.01 12.91
C ASN C 115 -2.54 15.03 12.70
N ALA C 116 -1.36 15.47 13.11
CA ALA C 116 -0.16 14.64 13.06
C ALA C 116 0.76 15.06 14.19
N TRP C 117 1.55 14.11 14.69
CA TRP C 117 2.38 14.39 15.86
C TRP C 117 3.52 15.34 15.53
N GLY C 118 4.00 15.34 14.29
CA GLY C 118 5.17 16.14 13.95
C GLY C 118 4.90 17.61 13.82
N VAL C 119 3.65 18.00 13.60
CA VAL C 119 3.30 19.41 13.56
C VAL C 119 3.53 20.09 14.90
N TRP C 120 3.46 19.34 16.00
CA TRP C 120 3.46 19.91 17.33
C TRP C 120 4.73 19.67 18.13
N PHE C 121 5.55 18.70 17.76
CA PHE C 121 6.68 18.32 18.58
C PHE C 121 7.92 18.08 17.71
N ASN C 122 9.05 18.50 18.22
CA ASN C 122 10.35 18.18 17.65
C ASN C 122 10.95 17.01 18.41
N PRO C 123 12.03 16.41 17.89
CA PRO C 123 12.62 15.26 18.59
C PRO C 123 12.97 15.50 20.06
N GLY C 124 13.28 16.74 20.44
CA GLY C 124 13.63 16.99 21.83
C GLY C 124 12.44 16.93 22.76
N ASP C 125 11.34 17.59 22.38
CA ASP C 125 10.13 17.52 23.18
C ASP C 125 9.57 16.10 23.21
N TRP C 126 9.68 15.39 22.09
CA TRP C 126 9.22 14.01 22.06
C TRP C 126 10.05 13.14 22.98
N GLN C 127 11.37 13.36 23.01
CA GLN C 127 12.22 12.63 23.95
C GLN C 127 11.80 12.91 25.38
N LEU C 128 11.60 14.19 25.71
CA LEU C 128 11.20 14.56 27.06
C LEU C 128 9.90 13.86 27.45
N ILE C 129 8.91 13.89 26.56
CA ILE C 129 7.62 13.29 26.87
C ILE C 129 7.74 11.78 27.06
N VAL C 130 8.32 11.09 26.08
CA VAL C 130 8.35 9.64 26.14
C VAL C 130 9.40 9.09 27.09
N ASN C 131 10.22 9.96 27.70
CA ASN C 131 11.16 9.49 28.70
C ASN C 131 10.76 9.86 30.12
N THR C 132 9.95 10.92 30.30
CA THR C 132 9.57 11.34 31.63
C THR C 132 8.11 11.05 31.98
N MET C 133 7.25 10.87 30.99
CA MET C 133 5.83 10.72 31.26
C MET C 133 5.40 9.25 31.18
N SER C 134 4.21 8.99 31.69
CA SER C 134 3.61 7.67 31.70
C SER C 134 2.27 7.60 30.97
N GLU C 135 1.42 8.61 31.11
CA GLU C 135 0.17 8.69 30.37
C GLU C 135 0.15 9.98 29.57
N LEU C 136 -0.97 10.23 28.90
CA LEU C 136 -1.12 11.41 28.06
C LEU C 136 -2.61 11.64 27.82
N HIS C 137 -3.10 12.81 28.20
CA HIS C 137 -4.47 13.22 27.91
C HIS C 137 -4.46 14.28 26.83
N LEU C 138 -5.61 14.48 26.19
CA LEU C 138 -5.79 15.51 25.18
C LEU C 138 -6.80 16.51 25.71
N VAL C 139 -6.34 17.70 26.03
CA VAL C 139 -7.20 18.68 26.71
C VAL C 139 -7.85 19.62 25.72
N SER C 140 -7.06 20.39 24.97
CA SER C 140 -7.64 21.49 24.22
C SER C 140 -6.98 21.63 22.85
N PHE C 141 -7.69 22.30 21.94
CA PHE C 141 -7.20 22.57 20.60
C PHE C 141 -7.81 23.88 20.10
N GLU C 142 -7.00 24.70 19.44
CA GLU C 142 -7.49 25.93 18.82
C GLU C 142 -6.62 26.32 17.64
N GLN C 143 -7.23 27.02 16.69
CA GLN C 143 -6.56 27.45 15.47
C GLN C 143 -6.85 28.92 15.20
N GLU C 144 -5.95 29.55 14.44
CA GLU C 144 -6.13 30.90 13.95
C GLU C 144 -5.48 31.03 12.58
N ILE C 145 -6.07 31.87 11.75
CA ILE C 145 -5.50 32.26 10.46
C ILE C 145 -5.34 33.77 10.50
N PHE C 146 -4.13 34.26 10.21
CA PHE C 146 -3.85 35.68 10.29
C PHE C 146 -2.86 36.06 9.19
N ASN C 147 -2.60 37.37 9.09
CA ASN C 147 -1.66 37.95 8.13
C ASN C 147 -1.87 37.39 6.72
N VAL C 148 -3.07 37.61 6.21
CA VAL C 148 -3.42 37.14 4.87
C VAL C 148 -2.84 38.10 3.84
N VAL C 149 -2.21 37.56 2.82
CA VAL C 149 -1.64 38.36 1.74
C VAL C 149 -2.01 37.72 0.41
N LEU C 150 -2.76 38.44 -0.42
CA LEU C 150 -3.21 37.96 -1.72
C LEU C 150 -2.48 38.71 -2.82
N LYS C 151 -2.02 37.97 -3.83
CA LYS C 151 -1.21 38.53 -4.90
C LYS C 151 -1.69 38.01 -6.24
N THR C 152 -1.30 38.73 -7.28
CA THR C 152 -1.73 38.48 -8.65
C THR C 152 -0.51 38.41 -9.55
N VAL C 153 -0.52 37.43 -10.46
CA VAL C 153 0.56 37.24 -11.41
C VAL C 153 0.16 37.83 -12.75
N SER C 154 1.10 38.52 -13.39
CA SER C 154 0.88 39.15 -14.68
C SER C 154 2.06 38.82 -15.59
N GLU C 155 1.77 38.27 -16.76
CA GLU C 155 2.81 37.90 -17.70
C GLU C 155 2.84 38.83 -18.90
N THR C 162 8.53 37.37 -18.84
CA THR C 162 8.70 37.78 -17.45
C THR C 162 7.39 37.69 -16.68
N LYS C 163 7.48 37.77 -15.36
CA LYS C 163 6.32 37.71 -14.50
C LYS C 163 6.39 38.81 -13.46
N VAL C 164 5.27 39.49 -13.26
CA VAL C 164 5.15 40.56 -12.27
C VAL C 164 4.14 40.11 -11.23
N TYR C 165 4.42 40.42 -9.96
CA TYR C 165 3.58 40.01 -8.85
C TYR C 165 3.07 41.26 -8.14
N ASN C 166 1.77 41.51 -8.23
CA ASN C 166 1.13 42.69 -7.67
C ASN C 166 0.29 42.28 -6.48
N ASN C 167 -0.06 43.24 -5.64
CA ASN C 167 -0.88 42.96 -4.47
C ASN C 167 -2.34 43.29 -4.76
N ASP C 168 -3.22 42.35 -4.45
CA ASP C 168 -4.67 42.56 -4.53
C ASP C 168 -5.17 42.96 -3.15
N LEU C 169 -5.18 44.26 -2.89
CA LEU C 169 -5.59 44.75 -1.58
C LEU C 169 -7.08 44.55 -1.32
N THR C 170 -7.87 44.33 -2.37
CA THR C 170 -9.31 44.19 -2.24
C THR C 170 -9.81 42.77 -2.48
N ALA C 171 -8.92 41.84 -2.83
CA ALA C 171 -9.32 40.45 -2.97
C ALA C 171 -9.54 39.83 -1.60
N SER C 172 -10.17 38.66 -1.60
CA SER C 172 -10.59 38.02 -0.35
C SER C 172 -10.25 36.54 -0.37
N LEU C 173 -10.05 35.98 0.82
CA LEU C 173 -9.81 34.56 1.03
C LEU C 173 -10.98 34.00 1.82
N MET C 174 -11.65 33.02 1.24
CA MET C 174 -12.78 32.37 1.90
C MET C 174 -12.29 31.32 2.87
N VAL C 175 -12.76 31.41 4.12
CA VAL C 175 -12.45 30.45 5.16
C VAL C 175 -13.76 29.87 5.69
N ALA C 176 -13.81 28.55 5.84
CA ALA C 176 -14.98 27.86 6.36
C ALA C 176 -14.54 26.90 7.45
N LEU C 177 -15.30 26.83 8.53
CA LEU C 177 -14.99 25.96 9.65
C LEU C 177 -16.20 25.08 9.94
N ASP C 178 -16.07 23.79 9.70
CA ASP C 178 -17.20 22.87 9.82
C ASP C 178 -17.33 22.44 11.27
N SER C 179 -17.85 23.36 12.09
CA SER C 179 -17.91 23.12 13.53
C SER C 179 -18.94 22.06 13.88
N ASN C 180 -20.06 22.04 13.18
CA ASN C 180 -21.12 21.06 13.45
C ASN C 180 -20.82 19.68 12.90
N ASN C 181 -19.69 19.51 12.20
CA ASN C 181 -19.29 18.23 11.63
C ASN C 181 -20.36 17.68 10.68
N THR C 182 -20.69 18.50 9.67
CA THR C 182 -21.62 18.08 8.63
C THR C 182 -20.92 17.45 7.45
N MET C 183 -19.80 18.02 7.01
CA MET C 183 -19.07 17.49 5.88
C MET C 183 -18.33 16.21 6.29
N PRO C 184 -18.11 15.30 5.34
CA PRO C 184 -17.48 14.01 5.70
C PRO C 184 -16.07 14.21 6.25
N PHE C 185 -15.75 13.43 7.27
CA PHE C 185 -14.45 13.52 7.92
C PHE C 185 -13.37 13.00 6.99
N THR C 186 -12.22 13.67 6.97
CA THR C 186 -11.14 13.37 6.04
C THR C 186 -9.82 13.69 6.72
N PRO C 187 -9.21 12.71 7.38
CA PRO C 187 -7.88 12.93 7.97
C PRO C 187 -6.80 12.83 6.90
N ALA C 188 -5.90 13.80 6.89
CA ALA C 188 -4.86 13.82 5.87
C ALA C 188 -3.67 12.94 6.22
N ALA C 189 -3.50 12.59 7.49
CA ALA C 189 -2.33 11.81 7.91
C ALA C 189 -2.28 10.44 7.25
N MET C 190 -3.39 9.94 6.71
CA MET C 190 -3.36 8.66 6.03
C MET C 190 -2.85 8.78 4.61
N ARG C 191 -2.98 9.94 3.98
CA ARG C 191 -2.37 10.20 2.70
C ARG C 191 -1.09 11.00 2.81
N SER C 192 -0.64 11.29 4.03
CA SER C 192 0.53 12.13 4.29
C SER C 192 0.38 13.49 3.62
N GLU C 193 -0.74 14.15 3.93
CA GLU C 193 -1.07 15.44 3.34
C GLU C 193 -1.39 16.47 4.41
N THR C 194 -0.76 16.37 5.58
CA THR C 194 -0.95 17.36 6.63
C THR C 194 0.00 18.53 6.39
N LEU C 195 0.04 19.47 7.33
CA LEU C 195 1.04 20.52 7.26
C LEU C 195 2.43 19.94 7.52
N GLY C 196 3.45 20.66 7.07
CA GLY C 196 4.80 20.18 7.20
C GLY C 196 5.29 20.16 8.64
N PHE C 197 6.41 19.49 8.84
CA PHE C 197 6.96 19.26 10.17
C PHE C 197 8.03 20.27 10.57
N TYR C 198 8.34 21.25 9.70
CA TYR C 198 9.38 22.22 9.98
C TYR C 198 8.77 23.60 10.17
N PRO C 199 9.08 24.29 11.27
CA PRO C 199 8.50 25.63 11.46
C PRO C 199 9.06 26.67 10.51
N TRP C 200 10.19 26.41 9.87
CA TRP C 200 10.82 27.38 8.98
C TRP C 200 10.63 27.06 7.51
N LYS C 201 9.70 26.17 7.17
CA LYS C 201 9.45 25.79 5.79
C LYS C 201 8.00 26.08 5.45
N PRO C 202 7.72 26.83 4.38
CA PRO C 202 6.34 27.08 4.00
C PRO C 202 5.64 25.81 3.54
N THR C 203 4.38 25.68 3.91
CA THR C 203 3.60 24.47 3.69
C THR C 203 2.39 24.78 2.83
N ILE C 204 1.85 23.74 2.20
CA ILE C 204 0.69 23.88 1.34
C ILE C 204 -0.48 23.11 1.94
N PRO C 205 -1.72 23.52 1.68
CA PRO C 205 -2.88 22.70 2.09
C PRO C 205 -3.22 21.68 1.01
N THR C 206 -4.01 20.69 1.41
CA THR C 206 -4.30 19.70 0.40
C THR C 206 -5.67 19.95 -0.24
N PRO C 207 -5.81 19.69 -1.54
CA PRO C 207 -7.13 19.84 -2.16
C PRO C 207 -8.13 18.86 -1.57
N TRP C 208 -9.30 19.36 -1.22
CA TRP C 208 -10.30 18.54 -0.55
C TRP C 208 -11.10 17.74 -1.55
N ARG C 209 -11.50 16.55 -1.14
CA ARG C 209 -12.30 15.65 -1.96
C ARG C 209 -12.89 14.61 -1.01
N TYR C 210 -13.95 13.96 -1.46
CA TYR C 210 -14.51 12.91 -0.62
C TYR C 210 -15.13 11.80 -1.48
N TYR C 211 -15.38 10.67 -0.83
CA TYR C 211 -15.85 9.48 -1.52
C TYR C 211 -17.33 9.59 -1.86
N PHE C 212 -17.64 9.38 -3.13
CA PHE C 212 -19.01 9.26 -3.61
C PHE C 212 -19.35 7.78 -3.69
N GLN C 213 -20.60 7.44 -3.45
CA GLN C 213 -21.00 6.04 -3.47
C GLN C 213 -20.86 5.45 -4.87
N TRP C 214 -20.57 4.15 -4.91
CA TRP C 214 -20.54 3.41 -6.16
C TRP C 214 -20.70 1.94 -5.82
N ASP C 215 -20.81 1.12 -6.86
CA ASP C 215 -20.83 -0.32 -6.70
C ASP C 215 -19.75 -0.96 -7.56
N ARG C 216 -19.20 -2.06 -7.06
CA ARG C 216 -18.10 -2.72 -7.74
C ARG C 216 -18.07 -4.17 -7.32
N THR C 217 -17.95 -5.07 -8.30
CA THR C 217 -17.78 -6.48 -8.05
C THR C 217 -16.50 -6.96 -8.72
N LEU C 218 -15.63 -7.57 -7.94
CA LEU C 218 -14.37 -8.10 -8.44
C LEU C 218 -14.21 -9.51 -7.87
N ILE C 219 -14.60 -10.51 -8.64
CA ILE C 219 -14.41 -11.90 -8.20
C ILE C 219 -12.94 -12.27 -8.36
N PRO C 220 -12.28 -12.73 -7.30
CA PRO C 220 -10.85 -12.98 -7.37
C PRO C 220 -10.52 -14.18 -8.24
N SER C 221 -9.25 -14.26 -8.61
CA SER C 221 -8.75 -15.31 -9.49
C SER C 221 -7.26 -15.48 -9.20
N HIS C 222 -6.61 -16.30 -10.00
CA HIS C 222 -5.17 -16.48 -9.88
C HIS C 222 -4.58 -16.67 -11.27
N THR C 223 -3.25 -16.69 -11.32
CA THR C 223 -2.56 -16.96 -12.58
C THR C 223 -2.80 -18.40 -12.99
N GLY C 224 -3.66 -18.60 -13.97
CA GLY C 224 -4.02 -19.95 -14.37
C GLY C 224 -5.49 -20.25 -14.21
N THR C 225 -6.33 -19.22 -14.33
CA THR C 225 -7.77 -19.36 -14.26
C THR C 225 -8.32 -19.47 -15.67
N SER C 226 -9.29 -20.35 -15.85
CA SER C 226 -9.81 -20.66 -17.18
C SER C 226 -10.93 -19.74 -17.62
N GLY C 227 -11.58 -19.02 -16.71
CA GLY C 227 -12.67 -18.14 -17.04
C GLY C 227 -12.28 -16.67 -16.97
N THR C 228 -13.28 -15.82 -17.19
CA THR C 228 -13.17 -14.37 -17.02
C THR C 228 -14.21 -13.95 -16.00
N PRO C 229 -13.87 -13.99 -14.70
CA PRO C 229 -14.93 -14.09 -13.68
C PRO C 229 -15.94 -12.95 -13.66
N THR C 230 -15.52 -11.75 -13.24
CA THR C 230 -16.30 -10.52 -13.40
C THR C 230 -15.48 -9.33 -12.93
N ASN C 231 -15.48 -8.25 -13.71
CA ASN C 231 -14.78 -7.02 -13.37
C ASN C 231 -15.69 -5.90 -13.87
N ILE C 232 -16.57 -5.42 -13.01
CA ILE C 232 -17.67 -4.55 -13.42
C ILE C 232 -17.80 -3.41 -12.43
N TYR C 233 -17.82 -2.18 -12.94
CA TYR C 233 -18.21 -1.00 -12.19
C TYR C 233 -19.68 -0.75 -12.48
N HIS C 234 -20.53 -0.95 -11.47
CA HIS C 234 -21.97 -0.87 -11.70
C HIS C 234 -22.44 0.58 -11.79
N GLY C 235 -22.13 1.38 -10.79
CA GLY C 235 -22.53 2.78 -10.80
C GLY C 235 -22.85 3.30 -9.42
N THR C 236 -24.02 3.92 -9.26
CA THR C 236 -24.42 4.49 -7.99
C THR C 236 -25.85 4.09 -7.68
N ASP C 237 -26.06 3.63 -6.45
CA ASP C 237 -27.38 3.34 -5.90
C ASP C 237 -28.05 4.64 -5.51
N PRO C 238 -29.20 4.99 -6.09
CA PRO C 238 -29.80 6.29 -5.78
C PRO C 238 -30.16 6.49 -4.32
N ASP C 239 -30.22 5.42 -3.53
CA ASP C 239 -30.55 5.54 -2.12
C ASP C 239 -29.35 5.94 -1.27
N ASP C 240 -28.15 6.02 -1.85
CA ASP C 240 -26.94 6.33 -1.11
C ASP C 240 -26.22 7.56 -1.65
N VAL C 241 -26.84 8.30 -2.57
CA VAL C 241 -26.21 9.50 -3.10
C VAL C 241 -26.10 10.55 -2.01
N GLN C 242 -24.96 11.24 -1.97
CA GLN C 242 -24.73 12.27 -0.96
C GLN C 242 -23.75 13.29 -1.55
N PHE C 243 -24.28 14.44 -1.97
CA PHE C 243 -23.49 15.50 -2.59
C PHE C 243 -23.45 16.68 -1.62
N TYR C 244 -22.30 16.87 -0.99
CA TYR C 244 -22.10 17.94 -0.03
C TYR C 244 -21.41 19.13 -0.68
N THR C 245 -21.77 20.32 -0.24
CA THR C 245 -21.15 21.56 -0.68
C THR C 245 -20.84 22.41 0.54
N ILE C 246 -19.72 23.14 0.48
CA ILE C 246 -19.33 24.00 1.59
C ILE C 246 -20.24 25.23 1.66
N GLU C 247 -20.74 25.67 0.52
CA GLU C 247 -21.57 26.86 0.48
C GLU C 247 -22.92 26.65 1.15
N ASN C 248 -23.45 25.43 1.10
CA ASN C 248 -24.78 25.14 1.62
C ASN C 248 -24.75 24.58 3.04
N SER C 249 -23.58 24.37 3.63
CA SER C 249 -23.52 23.69 4.92
C SER C 249 -22.84 24.53 5.99
N VAL C 250 -21.86 25.36 5.60
CA VAL C 250 -21.08 26.10 6.58
C VAL C 250 -21.01 27.57 6.21
N PRO C 251 -21.04 28.48 7.19
CA PRO C 251 -20.83 29.89 6.88
C PRO C 251 -19.38 30.15 6.48
N VAL C 252 -19.21 31.03 5.50
CA VAL C 252 -17.91 31.34 4.94
C VAL C 252 -17.56 32.78 5.27
N HIS C 253 -16.39 32.99 5.85
CA HIS C 253 -15.86 34.31 6.14
C HIS C 253 -14.92 34.73 5.03
N LEU C 254 -15.02 35.99 4.61
CA LEU C 254 -14.16 36.54 3.58
C LEU C 254 -13.11 37.42 4.23
N LEU C 255 -11.89 36.91 4.34
CA LEU C 255 -10.79 37.61 4.99
C LEU C 255 -9.98 38.37 3.95
N ARG C 256 -9.90 39.68 4.12
CA ARG C 256 -9.02 40.50 3.32
C ARG C 256 -7.68 40.65 4.05
N THR C 257 -6.84 41.57 3.60
CA THR C 257 -5.46 41.64 4.07
C THR C 257 -5.37 41.96 5.56
N GLY C 258 -6.35 42.69 6.10
CA GLY C 258 -6.28 43.10 7.49
C GLY C 258 -7.23 42.37 8.41
N ASP C 259 -7.69 41.20 8.00
CA ASP C 259 -8.63 40.41 8.78
C ASP C 259 -7.95 39.14 9.28
N GLU C 260 -8.59 38.52 10.27
CA GLU C 260 -8.07 37.28 10.86
C GLU C 260 -9.25 36.42 11.30
N PHE C 261 -9.04 35.12 11.34
CA PHE C 261 -10.05 34.15 11.75
C PHE C 261 -9.57 33.44 13.00
N ALA C 262 -10.47 33.19 13.94
CA ALA C 262 -10.13 32.57 15.21
C ALA C 262 -11.18 31.53 15.57
N THR C 263 -10.88 30.27 15.31
CA THR C 263 -11.71 29.19 15.82
C THR C 263 -11.50 29.05 17.31
N GLY C 264 -12.59 29.12 18.06
CA GLY C 264 -12.51 29.01 19.50
C GLY C 264 -11.91 27.68 19.94
N THR C 265 -11.64 27.59 21.24
CA THR C 265 -10.96 26.42 21.77
C THR C 265 -11.94 25.25 21.91
N PHE C 266 -11.62 24.16 21.22
CA PHE C 266 -12.37 22.92 21.34
C PHE C 266 -11.82 22.12 22.51
N PHE C 267 -12.72 21.54 23.30
CA PHE C 267 -12.35 20.81 24.50
C PHE C 267 -12.66 19.33 24.31
N PHE C 268 -11.63 18.50 24.28
CA PHE C 268 -11.80 17.07 24.12
C PHE C 268 -12.34 16.44 25.40
N ASP C 269 -12.79 15.20 25.26
CA ASP C 269 -13.12 14.36 26.42
C ASP C 269 -12.87 12.93 26.02
N CYS C 270 -11.65 12.44 26.28
CA CYS C 270 -11.23 11.13 25.83
C CYS C 270 -10.53 10.41 26.99
N LYS C 271 -9.98 9.23 26.68
CA LYS C 271 -9.22 8.33 27.54
C LYS C 271 -7.73 8.61 27.43
N PRO C 272 -6.96 8.36 28.48
CA PRO C 272 -5.52 8.64 28.42
C PRO C 272 -4.76 7.58 27.64
N CYS C 273 -3.85 8.05 26.78
CA CYS C 273 -2.93 7.18 26.06
C CYS C 273 -1.75 6.86 26.95
N ARG C 274 -1.41 5.57 27.05
CA ARG C 274 -0.34 5.12 27.92
C ARG C 274 0.97 5.06 27.15
N LEU C 275 2.04 5.58 27.76
CA LEU C 275 3.37 5.56 27.19
C LEU C 275 4.21 4.42 27.75
N THR C 276 3.56 3.40 28.31
CA THR C 276 4.23 2.22 28.81
C THR C 276 3.72 1.00 28.05
N HIS C 277 4.63 0.09 27.74
CA HIS C 277 4.30 -1.12 27.01
C HIS C 277 4.26 -2.31 27.96
N THR C 278 3.52 -3.33 27.57
CA THR C 278 3.44 -4.56 28.32
C THR C 278 4.24 -5.65 27.62
N TRP C 279 4.82 -6.54 28.42
CA TRP C 279 5.60 -7.65 27.91
C TRP C 279 5.02 -9.01 28.24
N GLN C 280 4.05 -9.09 29.15
CA GLN C 280 3.58 -10.37 29.65
C GLN C 280 2.59 -10.98 28.68
N THR C 281 2.92 -12.15 28.16
CA THR C 281 1.98 -12.96 27.41
C THR C 281 1.26 -13.89 28.39
N ASN C 282 0.53 -14.88 27.87
CA ASN C 282 -0.17 -15.81 28.73
C ASN C 282 0.77 -16.76 29.45
N ARG C 283 2.01 -16.89 28.99
CA ARG C 283 2.98 -17.76 29.64
C ARG C 283 3.66 -17.11 30.83
N ALA C 284 3.33 -15.87 31.16
CA ALA C 284 4.00 -15.12 32.21
C ALA C 284 2.98 -14.42 33.10
N LEU C 285 1.88 -15.10 33.42
CA LEU C 285 0.82 -14.55 34.23
C LEU C 285 0.61 -15.43 35.45
N GLY C 286 0.75 -14.85 36.63
CA GLY C 286 0.49 -15.54 37.87
C GLY C 286 1.74 -16.05 38.56
N LEU C 287 1.52 -17.04 39.42
CA LEU C 287 2.59 -17.57 40.26
C LEU C 287 3.38 -18.62 39.49
N PRO C 288 4.70 -18.48 39.36
CA PRO C 288 5.48 -19.47 38.64
C PRO C 288 5.47 -20.81 39.37
N PRO C 289 5.99 -21.86 38.75
CA PRO C 289 6.08 -23.15 39.47
C PRO C 289 7.27 -23.17 40.41
N PHE C 290 7.09 -23.89 41.51
CA PHE C 290 8.13 -23.97 42.53
C PHE C 290 9.27 -24.85 42.04
N LEU C 291 10.49 -24.32 42.10
CA LEU C 291 11.68 -25.02 41.65
C LEU C 291 12.27 -25.79 42.82
N ASN C 292 12.26 -27.12 42.72
CA ASN C 292 12.81 -27.96 43.77
C ASN C 292 14.31 -28.14 43.66
N SER C 293 14.89 -27.88 42.50
CA SER C 293 16.34 -27.97 42.30
C SER C 293 16.82 -26.66 41.70
N LEU C 294 17.44 -25.84 42.52
CA LEU C 294 17.99 -24.58 42.04
C LEU C 294 19.45 -24.76 41.64
N PRO C 295 19.92 -23.99 40.67
CA PRO C 295 21.31 -24.17 40.20
C PRO C 295 22.31 -23.80 41.28
N GLN C 296 23.46 -24.48 41.25
CA GLN C 296 24.49 -24.29 42.25
C GLN C 296 25.69 -23.50 41.74
N SER C 297 26.13 -23.76 40.52
CA SER C 297 27.24 -23.06 39.91
C SER C 297 26.70 -22.03 38.92
N GLU C 298 26.72 -20.77 39.32
CA GLU C 298 26.19 -19.70 38.49
C GLU C 298 26.96 -19.62 37.16
N GLY C 299 26.23 -19.73 36.07
CA GLY C 299 26.84 -19.78 34.76
C GLY C 299 25.81 -19.53 33.68
N ALA C 300 26.14 -20.00 32.48
CA ALA C 300 25.31 -19.74 31.31
C ALA C 300 24.37 -20.89 30.95
N THR C 301 24.78 -22.13 31.17
CA THR C 301 23.96 -23.29 30.81
C THR C 301 23.49 -24.07 32.04
N ASN C 302 23.54 -23.47 33.23
CA ASN C 302 23.08 -24.14 34.44
C ASN C 302 21.64 -23.71 34.70
N PHE C 303 20.71 -24.64 34.50
CA PHE C 303 19.29 -24.37 34.61
C PHE C 303 18.73 -24.90 35.92
N GLY C 304 17.53 -24.44 36.25
CA GLY C 304 16.81 -25.01 37.36
C GLY C 304 15.89 -26.13 36.92
N ASP C 305 15.39 -26.88 37.90
CA ASP C 305 14.58 -28.05 37.63
C ASP C 305 13.40 -28.09 38.58
N ILE C 306 12.19 -28.17 38.03
CA ILE C 306 11.00 -28.49 38.81
C ILE C 306 11.04 -29.98 39.11
N GLY C 307 11.41 -30.34 40.33
CA GLY C 307 11.61 -31.73 40.67
C GLY C 307 10.34 -32.51 40.93
N VAL C 308 9.34 -32.34 40.09
CA VAL C 308 8.09 -33.08 40.18
C VAL C 308 7.71 -33.51 38.76
N GLN C 309 7.32 -34.78 38.62
CA GLN C 309 6.86 -35.26 37.32
C GLN C 309 5.66 -34.45 36.85
N GLN C 310 5.47 -34.41 35.53
CA GLN C 310 4.43 -33.57 34.96
C GLN C 310 3.03 -34.12 35.21
N ASP C 311 2.90 -35.42 35.41
CA ASP C 311 1.61 -36.04 35.73
C ASP C 311 1.40 -36.18 37.22
N LYS C 312 2.17 -35.47 38.03
CA LYS C 312 2.05 -35.51 39.48
C LYS C 312 2.11 -34.11 40.08
N ARG C 313 1.77 -33.10 39.29
CA ARG C 313 1.83 -31.71 39.73
C ARG C 313 0.45 -31.23 40.16
N ARG C 314 0.45 -30.13 40.90
CA ARG C 314 -0.76 -29.56 41.46
C ARG C 314 -1.09 -28.24 40.78
N GLY C 315 -2.37 -28.01 40.56
CA GLY C 315 -2.82 -26.81 39.91
C GLY C 315 -4.18 -27.04 39.27
N VAL C 316 -4.59 -26.07 38.47
CA VAL C 316 -5.84 -26.12 37.72
C VAL C 316 -5.52 -26.11 36.24
N THR C 317 -6.27 -26.90 35.46
CA THR C 317 -6.17 -26.91 34.02
C THR C 317 -7.56 -26.79 33.41
N GLN C 318 -7.61 -26.46 32.13
CA GLN C 318 -8.85 -26.45 31.37
C GLN C 318 -8.96 -27.67 30.46
N MET C 319 -8.08 -28.65 30.63
CA MET C 319 -8.11 -29.89 29.89
C MET C 319 -8.57 -30.97 30.87
N GLY C 320 -9.88 -31.14 30.96
CA GLY C 320 -10.48 -32.02 31.96
C GLY C 320 -10.32 -33.49 31.73
N ASN C 321 -9.45 -33.92 30.82
CA ASN C 321 -9.25 -35.32 30.53
C ASN C 321 -7.77 -35.71 30.54
N THR C 322 -6.94 -34.90 31.19
CA THR C 322 -5.52 -35.18 31.23
C THR C 322 -4.97 -34.81 32.60
N ASN C 323 -3.88 -35.45 32.97
CA ASN C 323 -3.23 -35.21 34.26
C ASN C 323 -1.99 -34.33 34.16
N TYR C 324 -1.58 -33.97 32.95
CA TYR C 324 -0.37 -33.17 32.77
C TYR C 324 -0.62 -31.71 33.13
N ILE C 325 0.23 -31.15 33.97
CA ILE C 325 0.18 -29.74 34.32
C ILE C 325 1.54 -29.14 33.92
N THR C 326 1.55 -28.40 32.83
CA THR C 326 2.73 -27.75 32.28
C THR C 326 2.48 -26.25 32.18
N GLU C 327 3.43 -25.54 31.55
CA GLU C 327 3.25 -24.12 31.34
C GLU C 327 2.34 -23.82 30.16
N ALA C 328 2.28 -24.71 29.17
CA ALA C 328 1.39 -24.54 28.04
C ALA C 328 -0.04 -24.97 28.34
N THR C 329 -0.27 -25.67 29.45
CA THR C 329 -1.58 -26.21 29.77
C THR C 329 -2.23 -25.59 30.99
N ILE C 330 -1.47 -24.95 31.88
CA ILE C 330 -2.04 -24.44 33.13
C ILE C 330 -3.04 -23.33 32.82
N MET C 331 -3.97 -23.14 33.74
CA MET C 331 -5.02 -22.15 33.54
C MET C 331 -4.53 -20.75 33.89
N ARG C 332 -4.62 -19.85 32.92
CA ARG C 332 -4.33 -18.44 33.12
C ARG C 332 -5.62 -17.67 33.26
N PRO C 333 -5.59 -16.48 33.88
CA PRO C 333 -6.83 -15.71 34.04
C PRO C 333 -7.56 -15.44 32.74
N ALA C 334 -6.87 -14.91 31.74
CA ALA C 334 -7.49 -14.55 30.47
C ALA C 334 -6.46 -14.74 29.37
N GLU C 335 -6.73 -14.17 28.20
CA GLU C 335 -5.86 -14.28 27.05
C GLU C 335 -5.39 -12.89 26.65
N VAL C 336 -4.08 -12.77 26.41
CA VAL C 336 -3.45 -11.51 26.01
C VAL C 336 -3.24 -11.56 24.51
N GLY C 337 -4.00 -10.76 23.78
CA GLY C 337 -3.95 -10.77 22.34
C GLY C 337 -4.89 -11.79 21.75
N TYR C 338 -4.85 -11.91 20.44
CA TYR C 338 -5.70 -12.83 19.72
C TYR C 338 -5.10 -13.09 18.35
N SER C 339 -5.56 -14.18 17.71
CA SER C 339 -5.17 -14.51 16.36
C SER C 339 -6.25 -14.04 15.39
N ALA C 340 -5.83 -13.60 14.21
CA ALA C 340 -6.76 -13.12 13.20
C ALA C 340 -6.26 -13.54 11.82
N PRO C 341 -7.19 -13.79 10.88
CA PRO C 341 -6.79 -14.18 9.53
C PRO C 341 -5.98 -13.08 8.86
N TYR C 342 -4.72 -13.37 8.55
CA TYR C 342 -3.81 -12.34 8.08
C TYR C 342 -3.70 -12.35 6.56
N TYR C 343 -3.64 -11.15 5.99
CA TYR C 343 -3.80 -10.91 4.55
C TYR C 343 -5.09 -11.55 4.05
N SER C 344 -6.19 -11.18 4.70
CA SER C 344 -7.53 -11.60 4.34
C SER C 344 -8.27 -10.42 3.73
N PHE C 345 -9.03 -10.69 2.69
CA PHE C 345 -9.75 -9.64 1.97
C PHE C 345 -11.24 -9.93 1.98
N GLU C 346 -11.99 -9.03 2.60
CA GLU C 346 -13.45 -9.10 2.61
C GLU C 346 -13.98 -8.17 1.54
N ALA C 347 -14.98 -8.64 0.80
CA ALA C 347 -15.60 -7.86 -0.26
C ALA C 347 -16.91 -7.29 0.25
N SER C 348 -17.28 -6.14 -0.28
CA SER C 348 -18.58 -5.54 0.01
C SER C 348 -19.04 -4.80 -1.23
N THR C 349 -20.09 -3.98 -1.07
CA THR C 349 -20.74 -3.38 -2.22
C THR C 349 -19.82 -2.46 -3.00
N GLN C 350 -18.65 -2.12 -2.45
CA GLN C 350 -17.71 -1.23 -3.12
C GLN C 350 -16.38 -1.88 -3.43
N GLY C 351 -16.25 -3.19 -3.27
CA GLY C 351 -15.04 -3.87 -3.65
C GLY C 351 -14.37 -4.61 -2.51
N PRO C 352 -13.14 -5.08 -2.74
CA PRO C 352 -12.42 -5.82 -1.71
C PRO C 352 -11.52 -4.94 -0.88
N PHE C 353 -11.40 -5.28 0.40
CA PHE C 353 -10.56 -4.53 1.31
C PHE C 353 -9.91 -5.49 2.29
N LYS C 354 -8.74 -5.07 2.79
CA LYS C 354 -7.99 -5.85 3.75
C LYS C 354 -8.61 -5.75 5.14
N THR C 355 -8.80 -6.88 5.78
CA THR C 355 -9.32 -6.90 7.15
C THR C 355 -8.28 -6.34 8.11
N PRO C 356 -8.56 -5.25 8.82
CA PRO C 356 -7.55 -4.65 9.69
C PRO C 356 -7.26 -5.51 10.91
N ILE C 357 -5.98 -5.52 11.29
CA ILE C 357 -5.49 -6.27 12.45
C ILE C 357 -5.22 -5.28 13.57
N ALA C 358 -5.62 -5.64 14.78
CA ALA C 358 -5.47 -4.73 15.91
C ALA C 358 -4.01 -4.59 16.33
N ALA C 359 -3.39 -5.69 16.74
CA ALA C 359 -2.00 -5.71 17.12
C ALA C 359 -1.25 -6.77 16.33
N GLY C 360 -0.09 -6.39 15.81
CA GLY C 360 0.76 -7.28 15.05
C GLY C 360 2.05 -7.63 15.77
N ARG C 361 2.81 -8.52 15.15
CA ARG C 361 4.09 -8.94 15.70
C ARG C 361 5.13 -9.13 14.59
N ALA C 372 5.62 -7.64 9.34
CA ALA C 372 4.73 -8.63 8.75
C ALA C 372 3.30 -8.14 8.73
N ASP C 373 2.42 -8.82 9.47
CA ASP C 373 1.02 -8.47 9.56
C ASP C 373 0.77 -7.71 10.86
N GLY C 374 0.02 -6.61 10.76
CA GLY C 374 -0.35 -5.80 11.89
C GLY C 374 0.51 -4.57 12.09
N ASN C 375 1.74 -4.59 11.59
CA ASN C 375 2.64 -3.45 11.76
C ASN C 375 2.42 -2.45 10.64
N PRO C 376 2.05 -1.21 10.94
CA PRO C 376 1.75 -0.26 9.87
C PRO C 376 3.01 0.23 9.18
N ARG C 377 2.92 0.38 7.87
CA ARG C 377 4.01 0.91 7.05
C ARG C 377 3.66 2.34 6.66
N TYR C 378 4.58 3.26 6.90
CA TYR C 378 4.40 4.66 6.60
C TYR C 378 5.29 5.06 5.44
N ALA C 379 4.69 5.71 4.44
CA ALA C 379 5.38 6.28 3.31
C ALA C 379 5.11 7.78 3.28
N PHE C 380 6.14 8.57 3.01
CA PHE C 380 6.00 10.02 3.11
C PHE C 380 7.06 10.70 2.26
N GLY C 381 6.91 12.02 2.11
CA GLY C 381 7.76 12.81 1.25
C GLY C 381 8.57 13.87 1.97
N ARG C 382 9.14 14.81 1.21
CA ARG C 382 10.13 15.73 1.75
C ARG C 382 9.55 16.69 2.78
N GLN C 383 8.26 16.96 2.73
CA GLN C 383 7.63 17.84 3.72
C GLN C 383 7.40 17.16 5.05
N HIS C 384 7.49 15.83 5.12
CA HIS C 384 7.04 15.09 6.29
C HIS C 384 8.11 14.15 6.84
N GLY C 385 9.38 14.47 6.65
CA GLY C 385 10.42 13.71 7.30
C GLY C 385 11.52 13.20 6.38
N GLN C 386 11.22 13.09 5.08
CA GLN C 386 12.24 12.66 4.15
C GLN C 386 13.30 13.74 3.99
N LYS C 387 14.52 13.32 3.69
CA LYS C 387 15.62 14.25 3.46
C LYS C 387 15.24 15.27 2.41
N THR C 388 15.16 16.54 2.82
CA THR C 388 14.66 17.60 1.97
C THR C 388 15.51 17.86 0.75
N THR C 389 16.71 17.26 0.66
CA THR C 389 17.59 17.46 -0.47
C THR C 389 17.66 16.26 -1.40
N THR C 390 16.86 15.23 -1.16
CA THR C 390 16.81 14.11 -2.08
C THR C 390 16.06 14.48 -3.36
N THR C 391 16.34 13.75 -4.43
CA THR C 391 15.67 13.94 -5.70
C THR C 391 14.96 12.65 -6.10
N GLY C 392 13.79 12.80 -6.70
CA GLY C 392 12.98 11.69 -7.14
C GLY C 392 11.62 11.68 -6.46
N GLU C 393 10.74 10.84 -7.00
CA GLU C 393 9.40 10.70 -6.46
C GLU C 393 9.23 9.44 -5.61
N THR C 394 10.32 8.74 -5.31
CA THR C 394 10.25 7.60 -4.41
C THR C 394 10.10 8.11 -2.98
N PRO C 395 9.06 7.72 -2.26
CA PRO C 395 8.90 8.20 -0.88
C PRO C 395 9.75 7.40 0.09
N GLU C 396 9.98 7.99 1.25
CA GLU C 396 10.64 7.31 2.34
C GLU C 396 9.64 6.48 3.12
N ARG C 397 10.03 5.26 3.46
CA ARG C 397 9.14 4.29 4.08
C ARG C 397 9.76 3.69 5.32
N PHE C 398 8.93 3.38 6.31
CA PHE C 398 9.38 2.62 7.47
C PHE C 398 8.23 1.81 8.03
N THR C 399 8.56 0.65 8.56
CA THR C 399 7.60 -0.18 9.30
C THR C 399 7.81 0.02 10.79
N TYR C 400 6.74 0.39 11.48
CA TYR C 400 6.79 0.63 12.92
C TYR C 400 6.58 -0.70 13.65
N ILE C 401 7.63 -1.19 14.30
CA ILE C 401 7.56 -2.40 15.11
C ILE C 401 7.36 -1.96 16.54
N ALA C 402 6.15 -2.17 17.07
CA ALA C 402 5.84 -1.73 18.41
C ALA C 402 6.54 -2.60 19.45
N HIS C 403 6.67 -2.06 20.66
CA HIS C 403 7.34 -2.77 21.73
C HIS C 403 6.43 -3.78 22.42
N GLN C 404 5.12 -3.61 22.34
CA GLN C 404 4.21 -4.44 23.13
C GLN C 404 4.13 -5.86 22.57
N ASP C 405 4.13 -6.84 23.49
CA ASP C 405 4.10 -8.25 23.14
C ASP C 405 2.67 -8.76 23.29
N THR C 406 1.83 -8.38 22.32
CA THR C 406 0.43 -8.83 22.28
C THR C 406 0.08 -9.44 20.93
N GLY C 407 1.06 -9.77 20.11
CA GLY C 407 0.82 -10.42 18.84
C GLY C 407 0.98 -11.93 18.95
N ARG C 408 0.94 -12.58 17.79
CA ARG C 408 1.07 -14.02 17.72
C ARG C 408 2.18 -14.38 16.74
N TYR C 409 2.63 -15.63 16.84
CA TYR C 409 3.67 -16.20 15.98
C TYR C 409 3.09 -17.43 15.30
N PRO C 410 2.47 -17.28 14.13
CA PRO C 410 1.72 -18.42 13.54
C PRO C 410 2.58 -19.62 13.23
N GLU C 411 3.89 -19.47 13.10
CA GLU C 411 4.75 -20.62 12.89
C GLU C 411 4.91 -21.48 14.14
N GLY C 412 4.26 -21.12 15.24
CA GLY C 412 4.34 -21.87 16.48
C GLY C 412 3.02 -22.32 17.06
N ASP C 413 1.93 -22.24 16.31
CA ASP C 413 0.65 -22.73 16.78
C ASP C 413 0.38 -24.13 16.24
N TRP C 414 -0.62 -24.79 16.82
CA TRP C 414 -1.03 -26.12 16.36
C TRP C 414 -2.31 -26.52 17.09
N ILE C 415 -3.06 -27.42 16.46
CA ILE C 415 -4.26 -27.97 17.05
C ILE C 415 -4.09 -29.48 17.14
N GLN C 416 -4.57 -30.08 18.23
CA GLN C 416 -4.54 -31.53 18.32
C GLN C 416 -5.84 -32.05 18.90
N ASN C 417 -6.11 -33.31 18.59
CA ASN C 417 -7.32 -34.00 19.02
C ASN C 417 -7.53 -33.89 20.52
N ILE C 418 -8.80 -33.95 20.92
CA ILE C 418 -9.15 -33.78 22.33
C ILE C 418 -8.70 -34.97 23.17
N ASN C 419 -8.35 -36.09 22.55
CA ASN C 419 -7.86 -37.23 23.31
C ASN C 419 -6.59 -36.88 24.06
N PHE C 420 -5.72 -36.08 23.45
CA PHE C 420 -4.50 -35.59 24.08
C PHE C 420 -3.57 -36.73 24.49
N ASN C 421 -3.25 -37.58 23.52
CA ASN C 421 -2.13 -38.50 23.67
C ASN C 421 -0.87 -37.75 23.32
N LEU C 422 -0.10 -37.36 24.34
CA LEU C 422 0.83 -36.24 24.25
C LEU C 422 1.88 -36.38 23.15
N PRO C 423 2.55 -37.53 22.98
CA PRO C 423 3.36 -37.67 21.77
C PRO C 423 2.42 -37.83 20.60
N VAL C 424 2.26 -36.76 19.83
CA VAL C 424 1.14 -36.64 18.92
C VAL C 424 1.53 -37.22 17.57
N THR C 425 0.60 -37.93 16.95
CA THR C 425 0.81 -38.49 15.63
C THR C 425 0.35 -37.52 14.56
N ASN C 426 0.43 -37.97 13.30
CA ASN C 426 0.10 -37.09 12.19
C ASN C 426 -1.41 -36.88 12.09
N ASP C 427 -2.19 -37.94 12.20
CA ASP C 427 -3.62 -37.83 11.99
C ASP C 427 -4.33 -37.13 13.14
N ASN C 428 -3.63 -36.81 14.21
CA ASN C 428 -4.21 -36.14 15.37
C ASN C 428 -3.63 -34.76 15.61
N VAL C 429 -3.10 -34.11 14.58
CA VAL C 429 -2.51 -32.79 14.70
C VAL C 429 -2.73 -32.00 13.42
N LEU C 430 -2.87 -30.70 13.57
CA LEU C 430 -2.93 -29.74 12.47
C LEU C 430 -1.88 -28.69 12.77
N LEU C 431 -0.82 -28.69 11.98
CA LEU C 431 0.36 -27.84 12.09
C LEU C 431 0.27 -26.65 11.14
N PRO C 432 1.11 -25.64 11.31
CA PRO C 432 1.12 -24.53 10.35
C PRO C 432 1.83 -24.89 9.05
N THR C 433 2.09 -26.18 8.85
CA THR C 433 2.76 -26.67 7.66
C THR C 433 1.90 -27.65 6.87
N ASP C 434 0.59 -27.72 7.17
CA ASP C 434 -0.24 -28.60 6.37
C ASP C 434 -1.12 -27.79 5.43
N PRO C 435 -1.40 -28.32 4.24
CA PRO C 435 -2.22 -27.57 3.28
C PRO C 435 -3.68 -27.55 3.66
N ILE C 436 -4.29 -26.37 3.56
CA ILE C 436 -5.71 -26.17 3.76
C ILE C 436 -6.31 -25.84 2.40
N GLY C 437 -7.21 -26.70 1.94
CA GLY C 437 -7.77 -26.56 0.61
C GLY C 437 -6.90 -27.07 -0.51
N GLY C 438 -5.84 -27.80 -0.19
CA GLY C 438 -4.89 -28.25 -1.19
C GLY C 438 -3.84 -27.23 -1.58
N LYS C 439 -3.77 -26.10 -0.89
CA LYS C 439 -2.83 -25.04 -1.23
C LYS C 439 -1.57 -25.19 -0.39
N THR C 440 -0.42 -25.18 -1.05
CA THR C 440 0.86 -25.35 -0.35
C THR C 440 1.21 -24.12 0.48
N GLY C 441 0.71 -22.95 0.09
CA GLY C 441 1.04 -21.72 0.76
C GLY C 441 0.00 -21.20 1.71
N ILE C 442 -1.03 -21.98 2.01
CA ILE C 442 -2.10 -21.59 2.92
C ILE C 442 -2.25 -22.67 3.97
N ASN C 443 -2.06 -22.31 5.22
CA ASN C 443 -2.28 -23.20 6.36
C ASN C 443 -3.42 -22.65 7.21
N TYR C 444 -3.76 -23.40 8.27
CA TYR C 444 -4.95 -23.09 9.04
C TYR C 444 -4.84 -21.73 9.73
N THR C 445 -3.62 -21.31 10.08
CA THR C 445 -3.45 -20.02 10.75
C THR C 445 -3.89 -18.86 9.88
N ASN C 446 -4.00 -19.04 8.57
CA ASN C 446 -4.48 -17.99 7.70
C ASN C 446 -5.98 -17.77 7.82
N ILE C 447 -6.72 -18.76 8.32
CA ILE C 447 -8.17 -18.66 8.40
C ILE C 447 -8.61 -18.86 9.85
N PHE C 448 -7.77 -18.45 10.79
CA PHE C 448 -7.99 -18.72 12.20
C PHE C 448 -8.36 -17.44 12.94
N ASN C 449 -9.41 -17.52 13.74
CA ASN C 449 -9.84 -16.41 14.59
C ASN C 449 -10.02 -16.92 16.01
N THR C 450 -9.21 -16.38 16.94
CA THR C 450 -9.31 -16.74 18.34
C THR C 450 -9.74 -15.57 19.20
N TYR C 451 -10.46 -14.60 18.63
CA TYR C 451 -11.00 -13.50 19.42
C TYR C 451 -12.23 -13.99 20.18
N GLY C 452 -12.20 -13.85 21.50
CA GLY C 452 -13.30 -14.27 22.32
C GLY C 452 -13.55 -13.32 23.46
N PRO C 453 -14.42 -13.72 24.39
CA PRO C 453 -14.72 -12.86 25.54
C PRO C 453 -13.57 -12.77 26.54
N LEU C 454 -12.57 -13.65 26.44
CA LEU C 454 -11.44 -13.66 27.35
C LEU C 454 -10.23 -12.94 26.79
N THR C 455 -10.41 -12.10 25.77
CA THR C 455 -9.29 -11.48 25.08
C THR C 455 -9.04 -10.08 25.62
N ALA C 456 -7.80 -9.82 26.00
CA ALA C 456 -7.36 -8.51 26.46
C ALA C 456 -6.26 -8.00 25.54
N LEU C 457 -6.39 -6.76 25.09
CA LEU C 457 -5.42 -6.18 24.18
C LEU C 457 -5.26 -4.70 24.50
N ASN C 458 -4.19 -4.12 23.97
CA ASN C 458 -3.85 -2.73 24.21
C ASN C 458 -4.21 -1.87 23.01
N ASN C 459 -4.40 -0.59 23.27
CA ASN C 459 -4.59 0.38 22.20
C ASN C 459 -3.27 0.59 21.45
N VAL C 460 -3.39 1.23 20.28
CA VAL C 460 -2.24 1.43 19.41
C VAL C 460 -1.35 2.53 19.98
N PRO C 461 -0.04 2.48 19.77
CA PRO C 461 0.84 3.50 20.32
C PRO C 461 0.94 4.69 19.40
N PRO C 462 1.29 5.86 19.94
CA PRO C 462 1.56 7.01 19.07
C PRO C 462 2.75 6.75 18.17
N VAL C 463 2.65 7.22 16.93
CA VAL C 463 3.69 7.06 15.93
C VAL C 463 4.21 8.44 15.58
N TYR C 464 5.38 8.78 16.09
CA TYR C 464 6.03 10.04 15.77
C TYR C 464 6.86 9.88 14.50
N PRO C 465 6.82 10.86 13.58
CA PRO C 465 5.94 12.03 13.61
C PRO C 465 4.75 11.95 12.67
N ASN C 466 4.58 10.80 12.01
CA ASN C 466 3.61 10.68 10.94
C ASN C 466 2.26 10.15 11.39
N GLY C 467 2.13 9.72 12.64
CA GLY C 467 0.88 9.18 13.10
C GLY C 467 -0.16 10.25 13.35
N GLN C 468 -1.41 9.82 13.35
CA GLN C 468 -2.52 10.69 13.68
C GLN C 468 -2.65 10.86 15.19
N ILE C 469 -3.25 11.96 15.60
CA ILE C 469 -3.43 12.22 17.03
C ILE C 469 -4.82 11.77 17.46
N TRP C 470 -5.85 12.39 16.87
CA TRP C 470 -7.23 12.09 17.23
C TRP C 470 -8.00 11.60 16.01
N ASP C 471 -9.11 10.91 16.29
CA ASP C 471 -9.98 10.38 15.26
C ASP C 471 -11.42 10.53 15.70
N LYS C 472 -12.33 10.54 14.74
CA LYS C 472 -13.75 10.64 14.99
C LYS C 472 -14.33 9.24 15.16
N GLU C 473 -15.29 9.10 16.07
CA GLU C 473 -15.91 7.81 16.30
C GLU C 473 -16.94 7.51 15.22
N PHE C 474 -17.06 6.22 14.89
CA PHE C 474 -18.03 5.79 13.89
C PHE C 474 -19.45 6.06 14.37
N ASP C 475 -20.27 6.62 13.49
CA ASP C 475 -21.67 6.90 13.82
C ASP C 475 -22.55 5.67 13.58
N THR C 476 -22.27 4.60 14.31
CA THR C 476 -23.02 3.37 14.23
C THR C 476 -23.68 3.06 15.57
N ASP C 477 -24.50 2.00 15.58
CA ASP C 477 -25.15 1.60 16.83
C ASP C 477 -24.15 0.95 17.78
N LEU C 478 -23.37 -0.01 17.27
CA LEU C 478 -22.37 -0.72 18.06
C LEU C 478 -20.99 -0.26 17.60
N LYS C 479 -20.27 0.35 18.48
CA LYS C 479 -19.01 1.00 18.13
C LYS C 479 -17.84 0.05 18.30
N PRO C 480 -16.78 0.23 17.52
CA PRO C 480 -15.57 -0.57 17.70
C PRO C 480 -14.88 -0.24 19.00
N ARG C 481 -14.11 -1.21 19.50
CA ARG C 481 -13.43 -1.03 20.77
C ARG C 481 -12.15 -0.20 20.64
N LEU C 482 -11.59 -0.08 19.44
CA LEU C 482 -10.40 0.72 19.24
C LEU C 482 -10.20 0.96 17.75
N HIS C 483 -9.50 2.05 17.44
CA HIS C 483 -9.04 2.36 16.10
C HIS C 483 -7.57 1.97 15.97
N VAL C 484 -7.16 1.72 14.72
CA VAL C 484 -5.78 1.34 14.46
C VAL C 484 -4.97 2.48 13.87
N ASN C 485 -5.50 3.70 13.84
CA ASN C 485 -4.83 4.82 13.22
C ASN C 485 -4.59 5.99 14.15
N ALA C 486 -5.16 6.00 15.35
CA ALA C 486 -5.01 7.11 16.26
C ALA C 486 -5.20 6.63 17.68
N PRO C 487 -4.34 7.05 18.61
CA PRO C 487 -4.54 6.65 20.01
C PRO C 487 -5.77 7.26 20.65
N PHE C 488 -6.19 8.44 20.21
CA PHE C 488 -7.34 9.13 20.78
C PHE C 488 -8.49 9.09 19.79
N VAL C 489 -9.71 9.07 20.31
CA VAL C 489 -10.92 9.00 19.50
C VAL C 489 -11.96 9.93 20.09
N CYS C 490 -12.39 10.92 19.32
CA CYS C 490 -13.50 11.78 19.69
C CYS C 490 -14.79 10.97 19.65
N GLN C 491 -15.41 10.73 20.81
CA GLN C 491 -16.58 9.87 20.86
C GLN C 491 -17.85 10.58 20.41
N ASN C 492 -18.10 11.78 20.94
CA ASN C 492 -19.35 12.46 20.61
C ASN C 492 -19.15 13.49 19.52
N ASN C 493 -18.21 14.42 19.71
CA ASN C 493 -17.92 15.43 18.71
C ASN C 493 -16.41 15.65 18.67
N CYS C 494 -15.92 16.02 17.49
CA CYS C 494 -14.50 16.12 17.21
C CYS C 494 -14.24 17.48 16.57
N PRO C 495 -13.01 18.01 16.66
CA PRO C 495 -12.75 19.35 16.11
C PRO C 495 -13.17 19.45 14.65
N GLY C 496 -13.67 20.62 14.30
CA GLY C 496 -14.14 20.84 12.94
C GLY C 496 -13.02 21.08 11.97
N GLN C 497 -13.29 20.80 10.70
CA GLN C 497 -12.29 20.94 9.67
C GLN C 497 -12.27 22.36 9.13
N LEU C 498 -11.09 22.78 8.68
CA LEU C 498 -10.84 24.15 8.25
C LEU C 498 -10.55 24.16 6.75
N PHE C 499 -11.53 24.60 5.97
CA PHE C 499 -11.40 24.70 4.53
C PHE C 499 -11.06 26.13 4.13
N VAL C 500 -10.21 26.25 3.13
CA VAL C 500 -9.77 27.53 2.60
C VAL C 500 -9.94 27.53 1.10
N LYS C 501 -10.21 28.70 0.56
CA LYS C 501 -10.36 28.90 -0.87
C LYS C 501 -10.02 30.35 -1.15
N VAL C 502 -9.58 30.64 -2.36
CA VAL C 502 -9.32 32.01 -2.77
C VAL C 502 -10.46 32.46 -3.67
N ALA C 503 -11.08 33.58 -3.31
CA ALA C 503 -12.29 34.02 -3.98
C ALA C 503 -12.06 34.21 -5.48
N PRO C 504 -13.08 34.03 -6.31
CA PRO C 504 -12.91 34.20 -7.75
C PRO C 504 -12.59 35.64 -8.11
N ASN C 505 -11.52 35.83 -8.87
CA ASN C 505 -11.08 37.14 -9.34
C ASN C 505 -11.43 37.23 -10.82
N LEU C 506 -12.58 37.82 -11.12
CA LEU C 506 -13.11 37.82 -12.47
C LEU C 506 -12.50 38.95 -13.30
N THR C 507 -12.48 38.73 -14.61
CA THR C 507 -12.09 39.76 -15.56
C THR C 507 -13.33 40.52 -16.00
N ASN C 508 -13.21 41.34 -17.04
CA ASN C 508 -14.35 42.11 -17.51
C ASN C 508 -15.18 41.37 -18.55
N GLU C 509 -14.66 40.27 -19.10
CA GLU C 509 -15.40 39.46 -20.06
C GLU C 509 -15.86 38.20 -19.35
N TYR C 510 -17.00 38.29 -18.66
CA TYR C 510 -17.59 37.15 -17.99
C TYR C 510 -19.00 36.94 -18.50
N ASP C 511 -19.30 35.75 -18.98
CA ASP C 511 -20.62 35.38 -19.45
C ASP C 511 -21.07 34.10 -18.75
N PRO C 512 -22.06 34.16 -17.86
CA PRO C 512 -22.53 32.93 -17.22
C PRO C 512 -23.19 31.97 -18.17
N ASP C 513 -23.67 32.44 -19.33
CA ASP C 513 -24.28 31.59 -20.34
C ASP C 513 -23.26 31.09 -21.36
N ALA C 514 -22.00 30.99 -20.98
CA ALA C 514 -20.95 30.44 -21.83
C ALA C 514 -20.55 29.07 -21.30
N SER C 515 -20.53 28.08 -22.19
CA SER C 515 -20.19 26.72 -21.79
C SER C 515 -18.76 26.59 -21.29
N ALA C 516 -17.86 27.46 -21.76
CA ALA C 516 -16.47 27.41 -21.33
C ALA C 516 -16.35 27.86 -19.88
N ASN C 517 -15.23 27.50 -19.27
CA ASN C 517 -14.96 27.85 -17.89
C ASN C 517 -14.69 29.35 -17.76
N MET C 518 -14.99 29.89 -16.58
CA MET C 518 -14.83 31.32 -16.36
C MET C 518 -13.36 31.70 -16.45
N SER C 519 -13.10 32.88 -16.99
CA SER C 519 -11.74 33.41 -17.10
C SER C 519 -11.44 34.20 -15.83
N ARG C 520 -10.44 33.75 -15.08
CA ARG C 520 -10.08 34.35 -13.81
C ARG C 520 -8.69 34.95 -13.90
N ILE C 521 -8.43 35.92 -13.04
CA ILE C 521 -7.10 36.48 -12.91
C ILE C 521 -6.28 35.58 -11.99
N VAL C 522 -5.06 35.27 -12.40
CA VAL C 522 -4.25 34.31 -11.66
C VAL C 522 -3.89 34.92 -10.30
N THR C 523 -4.48 34.37 -9.25
CA THR C 523 -4.35 34.89 -7.90
C THR C 523 -3.83 33.78 -7.00
N TYR C 524 -3.01 34.14 -6.01
CA TYR C 524 -2.58 33.20 -5.00
C TYR C 524 -2.44 33.91 -3.66
N SER C 525 -2.63 33.16 -2.59
CA SER C 525 -2.61 33.70 -1.25
C SER C 525 -1.49 33.05 -0.46
N ASP C 526 -0.98 33.79 0.51
CA ASP C 526 -0.14 33.23 1.56
C ASP C 526 -0.58 33.83 2.88
N PHE C 527 -0.97 32.96 3.81
CA PHE C 527 -1.42 33.38 5.13
C PHE C 527 -0.61 32.65 6.19
N TRP C 528 -0.85 32.97 7.45
CA TRP C 528 -0.14 32.36 8.56
C TRP C 528 -1.14 31.61 9.41
N TRP C 529 -0.84 30.34 9.70
CA TRP C 529 -1.67 29.51 10.53
C TRP C 529 -1.00 29.31 11.88
N LYS C 530 -1.79 29.40 12.95
CA LYS C 530 -1.31 29.18 14.30
C LYS C 530 -2.23 28.19 15.00
N GLY C 531 -1.65 27.33 15.82
CA GLY C 531 -2.41 26.31 16.50
C GLY C 531 -1.87 26.07 17.89
N LYS C 532 -2.79 25.78 18.81
CA LYS C 532 -2.46 25.49 20.20
C LYS C 532 -3.11 24.16 20.58
N LEU C 533 -2.28 23.20 21.00
CA LEU C 533 -2.75 21.88 21.42
C LEU C 533 -2.28 21.65 22.84
N VAL C 534 -3.22 21.42 23.75
CA VAL C 534 -2.92 21.30 25.17
C VAL C 534 -3.16 19.86 25.59
N PHE C 535 -2.12 19.23 26.14
CA PHE C 535 -2.12 17.89 26.68
C PHE C 535 -1.95 17.94 28.20
N LYS C 536 -2.36 16.85 28.85
CA LYS C 536 -2.09 16.62 30.25
C LYS C 536 -1.35 15.29 30.38
N ALA C 537 -0.22 15.31 31.08
CA ALA C 537 0.61 14.12 31.23
C ALA C 537 0.89 13.86 32.70
N LYS C 538 1.19 12.61 33.01
CA LYS C 538 1.66 12.23 34.34
C LYS C 538 3.14 11.90 34.26
N LEU C 539 3.89 12.33 35.26
CA LEU C 539 5.31 12.00 35.33
C LEU C 539 5.49 10.61 35.90
N ARG C 540 6.38 9.84 35.29
CA ARG C 540 6.49 8.43 35.63
C ARG C 540 7.35 8.24 36.87
N ALA C 541 7.10 7.12 37.56
CA ALA C 541 7.84 6.74 38.76
C ALA C 541 8.54 5.42 38.52
N SER C 542 9.68 5.24 39.18
CA SER C 542 10.46 4.02 39.06
C SER C 542 10.05 3.03 40.14
N HIS C 543 9.65 1.83 39.72
CA HIS C 543 9.24 0.78 40.65
C HIS C 543 10.17 -0.42 40.66
N THR C 544 11.18 -0.44 39.79
CA THR C 544 12.10 -1.56 39.68
C THR C 544 13.48 -1.16 40.17
N TRP C 545 14.29 -2.19 40.46
CA TRP C 545 15.69 -1.95 40.80
C TRP C 545 16.51 -1.58 39.58
N ASN C 546 16.22 -2.16 38.45
CA ASN C 546 16.98 -1.98 37.23
C ASN C 546 16.51 -0.76 36.47
N PRO C 547 17.38 -0.18 35.64
CA PRO C 547 16.94 0.89 34.75
C PRO C 547 15.97 0.38 33.71
N ILE C 548 15.48 1.30 32.89
CA ILE C 548 14.54 0.97 31.82
C ILE C 548 15.10 1.48 30.50
N GLN C 549 14.36 1.22 29.43
CA GLN C 549 14.78 1.65 28.11
C GLN C 549 14.41 3.11 27.90
N GLN C 550 15.35 3.89 27.40
CA GLN C 550 15.15 5.31 27.14
C GLN C 550 15.61 5.63 25.73
N MET C 551 15.05 6.71 25.17
CA MET C 551 15.44 7.18 23.87
C MET C 551 16.59 8.18 24.01
N SER C 552 17.60 8.05 23.16
CA SER C 552 18.80 8.86 23.30
C SER C 552 19.48 9.06 21.95
N ILE C 553 20.42 9.99 21.93
CA ILE C 553 21.23 10.26 20.75
C ILE C 553 22.55 9.52 20.90
N ASN C 554 23.05 8.99 19.80
CA ASN C 554 24.30 8.24 19.83
C ASN C 554 25.01 8.41 18.49
N VAL C 555 26.17 7.75 18.35
CA VAL C 555 27.01 7.93 17.18
C VAL C 555 26.33 7.42 15.92
N ASP C 556 25.33 6.55 16.05
CA ASP C 556 24.70 5.99 14.87
C ASP C 556 23.57 6.88 14.34
N ASN C 557 22.76 7.44 15.24
CA ASN C 557 21.66 8.31 14.86
C ASN C 557 21.98 9.78 15.08
N GLN C 558 23.24 10.17 15.00
CA GLN C 558 23.64 11.51 15.38
C GLN C 558 23.16 12.54 14.37
N PHE C 559 23.42 12.31 13.08
CA PHE C 559 23.15 13.31 12.05
C PHE C 559 21.72 13.29 11.55
N ASN C 560 20.84 12.53 12.19
CA ASN C 560 19.42 12.60 11.87
C ASN C 560 18.74 13.80 12.49
N TYR C 561 19.41 14.51 13.40
CA TYR C 561 18.81 15.61 14.13
C TYR C 561 19.46 16.95 13.86
N VAL C 562 20.47 17.00 13.00
CA VAL C 562 21.14 18.26 12.66
C VAL C 562 21.12 18.39 11.15
N PRO C 563 21.07 19.60 10.60
CA PRO C 563 20.99 19.74 9.14
C PRO C 563 22.34 19.56 8.48
N SER C 564 22.28 19.24 7.19
CA SER C 564 23.48 19.09 6.39
C SER C 564 24.05 20.45 6.01
N ASN C 565 25.13 20.44 5.24
CA ASN C 565 25.76 21.69 4.83
C ASN C 565 24.97 22.45 3.79
N ILE C 566 23.96 21.83 3.19
CA ILE C 566 23.12 22.48 2.19
C ILE C 566 21.71 22.72 2.70
N GLY C 567 21.49 22.57 4.00
CA GLY C 567 20.18 22.82 4.58
C GLY C 567 19.24 21.64 4.58
N GLY C 568 19.76 20.41 4.47
CA GLY C 568 18.90 19.25 4.40
C GLY C 568 18.51 18.76 5.77
N MET C 569 17.21 18.60 5.99
CA MET C 569 16.67 18.16 7.26
C MET C 569 15.91 16.87 7.07
N LYS C 570 15.65 16.19 8.19
CA LYS C 570 14.87 14.97 8.20
C LYS C 570 14.41 14.69 9.62
N ILE C 571 13.26 14.03 9.75
CA ILE C 571 12.72 13.64 11.04
C ILE C 571 12.53 12.12 11.00
N VAL C 572 13.44 11.40 11.63
CA VAL C 572 13.32 9.95 11.71
C VAL C 572 12.23 9.59 12.73
N TYR C 573 11.71 8.37 12.60
CA TYR C 573 10.65 7.94 13.48
C TYR C 573 11.20 7.47 14.82
N GLU C 574 10.47 7.79 15.88
CA GLU C 574 10.87 7.45 17.24
C GLU C 574 9.81 6.57 17.87
N LYS C 575 10.24 5.65 18.72
CA LYS C 575 9.33 4.81 19.47
C LYS C 575 8.72 5.59 20.62
N SER C 576 7.50 5.23 20.98
CA SER C 576 6.73 5.96 21.98
C SER C 576 6.58 5.21 23.30
N GLN C 577 6.24 3.93 23.27
CA GLN C 577 5.99 3.15 24.47
C GLN C 577 7.27 2.39 24.81
N LEU C 578 8.11 3.02 25.62
CA LEU C 578 9.44 2.50 25.93
C LEU C 578 9.50 1.72 27.24
N ALA C 579 8.96 2.27 28.32
CA ALA C 579 9.10 1.65 29.62
C ALA C 579 8.15 0.46 29.74
N PRO C 580 8.57 -0.60 30.42
CA PRO C 580 7.67 -1.73 30.65
C PRO C 580 6.56 -1.37 31.64
N ARG C 581 5.60 -2.29 31.74
CA ARG C 581 4.43 -2.09 32.60
C ARG C 581 3.91 -3.45 33.04
N LYS C 582 3.53 -3.55 34.31
CA LYS C 582 2.99 -4.79 34.83
C LYS C 582 1.53 -4.95 34.41
N LEU C 583 1.20 -6.14 33.91
CA LEU C 583 -0.14 -6.41 33.42
C LEU C 583 -1.01 -7.10 34.46
N TYR C 584 -0.45 -8.01 35.25
CA TYR C 584 -1.21 -8.81 36.19
C TYR C 584 -0.43 -9.04 37.47
#